data_5VL9
#
_entry.id   5VL9
#
_cell.length_a   54.790
_cell.length_b   74.060
_cell.length_c   81.360
_cell.angle_alpha   116.80
_cell.angle_beta   105.19
_cell.angle_gamma   90.78
#
_symmetry.space_group_name_H-M   'P 1'
#
loop_
_entity.id
_entity.type
_entity.pdbx_description
1 polymer 'Regulatory protein TetR'
2 polymer "DNA (5'-D(*TP*AP*TP*GP*TP*CP*CP*AP*AP*CP*TP*TP*TP*C)-3')"
3 polymer "DNA (5'-D(*GP*AP*AP*AP*GP*TP*TP*GP*GP*AP*CP*AP*TP*A)-3')"
4 non-polymer HEXANE-1,6-DIOL
5 water water
#
loop_
_entity_poly.entity_id
_entity_poly.type
_entity_poly.pdbx_seq_one_letter_code
_entity_poly.pdbx_strand_id
1 'polypeptide(L)'
;(MSE)GYLNREERRETI(MSE)QAA(MSE)RVALDQGFTG(MSE)TVRNIATAAGVAAGQVHHHFTSSGELKSQAFIRVI
RE(MSE)(MSE)DLQRLSRTAGWREQLFSALGSEDGRLEPYIRLWRQAQLLADSDPEIKSAYLLT(MSE)NLWHDEAVRI
IRAGHAAGEFTLRDSAENIAWRLISLVCGLDGIYVLG(MSE)PEVDDAAFTRHLQHVIQLELFS
;
A,B,C,D
2 'polydeoxyribonucleotide' (DT)(DA)(DT)(DG)(DT)(DC)(DC)(DA)(DA)(DC)(DT)(DT)(DT)(DC) E,G
3 'polydeoxyribonucleotide' (DG)(DA)(DA)(DA)(DG)(DT)(DT)(DG)(DG)(DA)(DC)(DA)(DT)(DA) F,H
#
# COMPACT_ATOMS: atom_id res chain seq x y z
N GLY A 2 5.33 -32.74 25.62
CA GLY A 2 5.57 -33.84 24.69
C GLY A 2 5.16 -33.51 23.27
N TYR A 3 5.03 -34.52 22.43
CA TYR A 3 4.66 -34.31 21.06
C TYR A 3 3.18 -34.42 20.91
N LEU A 4 2.60 -33.57 20.09
CA LEU A 4 1.17 -33.56 19.83
C LEU A 4 0.94 -33.52 18.32
N ASN A 5 -0.25 -33.95 17.93
CA ASN A 5 -0.64 -33.85 16.53
C ASN A 5 -0.89 -32.39 16.16
N ARG A 6 -1.16 -32.15 14.87
CA ARG A 6 -1.28 -30.78 14.38
C ARG A 6 -2.43 -30.05 15.07
N GLU A 7 -3.59 -30.69 15.17
CA GLU A 7 -4.76 -30.01 15.74
C GLU A 7 -4.53 -29.68 17.22
N GLU A 8 -3.97 -30.64 17.98
CA GLU A 8 -3.70 -30.39 19.40
C GLU A 8 -2.68 -29.28 19.57
N ARG A 9 -1.56 -29.37 18.85
CA ARG A 9 -0.53 -28.34 18.96
C ARG A 9 -1.09 -26.96 18.66
N ARG A 10 -1.87 -26.84 17.59
CA ARG A 10 -2.44 -25.54 17.23
C ARG A 10 -3.30 -24.99 18.37
N GLU A 11 -4.09 -25.86 19.02
CA GLU A 11 -4.95 -25.39 20.10
C GLU A 11 -4.14 -24.88 21.28
N THR A 12 -3.02 -25.54 21.61
CA THR A 12 -2.18 -25.05 22.69
C THR A 12 -1.64 -23.66 22.39
N ILE A 13 -1.24 -23.42 21.15
CA ILE A 13 -0.79 -22.09 20.76
C ILE A 13 -1.95 -21.10 20.84
N GLN A 15 -4.73 -21.29 22.65
CA GLN A 15 -5.09 -21.05 24.04
C GLN A 15 -4.16 -20.04 24.68
N ALA A 16 -2.85 -20.17 24.45
CA ALA A 16 -1.90 -19.20 24.97
C ALA A 16 -2.17 -17.82 24.38
N ALA A 17 -2.41 -17.74 23.08
CA ALA A 17 -2.70 -16.45 22.45
C ALA A 17 -3.94 -15.82 23.08
N ARG A 19 -5.04 -16.22 26.30
CA ARG A 19 -4.76 -15.71 27.64
C ARG A 19 -3.87 -14.47 27.58
N VAL A 20 -2.96 -14.40 26.62
CA VAL A 20 -2.14 -13.20 26.46
C VAL A 20 -3.02 -12.02 26.06
N ALA A 21 -3.94 -12.24 25.13
CA ALA A 21 -4.84 -11.16 24.70
C ALA A 21 -5.62 -10.60 25.88
N LEU A 22 -6.15 -11.48 26.72
CA LEU A 22 -6.95 -11.01 27.86
C LEU A 22 -6.09 -10.38 28.93
N ASP A 23 -4.86 -10.86 29.11
CA ASP A 23 -3.99 -10.34 30.15
C ASP A 23 -3.23 -9.09 29.73
N GLN A 24 -2.89 -8.95 28.44
CA GLN A 24 -2.00 -7.88 27.99
C GLN A 24 -2.47 -7.18 26.72
N GLY A 25 -3.62 -7.55 26.16
CA GLY A 25 -4.11 -6.91 24.95
C GLY A 25 -3.28 -7.27 23.73
N PHE A 26 -3.64 -6.65 22.61
CA PHE A 26 -2.97 -6.94 21.35
C PHE A 26 -1.48 -6.64 21.43
N THR A 27 -1.11 -5.58 22.17
CA THR A 27 0.30 -5.21 22.27
C THR A 27 1.16 -6.36 22.77
N GLY A 28 0.63 -7.17 23.69
CA GLY A 28 1.39 -8.28 24.23
C GLY A 28 1.40 -9.53 23.38
N THR A 30 2.87 -10.89 20.92
CA THR A 30 4.01 -11.16 20.05
C THR A 30 4.17 -12.67 19.88
N VAL A 31 4.94 -13.04 18.84
CA VAL A 31 5.20 -14.46 18.59
C VAL A 31 5.88 -15.09 19.79
N ARG A 32 6.96 -14.46 20.28
CA ARG A 32 7.74 -15.06 21.36
C ARG A 32 6.96 -15.09 22.66
N ASN A 33 6.19 -14.04 22.95
CA ASN A 33 5.43 -14.02 24.20
C ASN A 33 4.35 -15.09 24.21
N ILE A 34 3.64 -15.26 23.09
CA ILE A 34 2.61 -16.30 23.02
C ILE A 34 3.24 -17.68 23.06
N ALA A 35 4.30 -17.89 22.28
CA ALA A 35 4.96 -19.19 22.26
C ALA A 35 5.46 -19.58 23.64
N THR A 36 6.09 -18.63 24.34
CA THR A 36 6.57 -18.92 25.68
C THR A 36 5.42 -19.23 26.63
N ALA A 37 4.30 -18.51 26.50
CA ALA A 37 3.14 -18.79 27.32
C ALA A 37 2.59 -20.19 27.05
N ALA A 38 2.66 -20.63 25.79
CA ALA A 38 2.24 -21.98 25.44
C ALA A 38 3.26 -23.03 25.84
N GLY A 39 4.50 -22.62 26.11
CA GLY A 39 5.55 -23.57 26.42
C GLY A 39 6.09 -24.28 25.20
N VAL A 40 6.19 -23.57 24.07
CA VAL A 40 6.62 -24.16 22.81
C VAL A 40 7.66 -23.26 22.17
N ALA A 41 8.38 -23.83 21.21
CA ALA A 41 9.36 -23.06 20.45
C ALA A 41 8.65 -21.97 19.65
N ALA A 42 9.34 -20.84 19.47
CA ALA A 42 8.74 -19.72 18.76
C ALA A 42 8.36 -20.10 17.34
N GLY A 43 9.16 -20.96 16.70
CA GLY A 43 8.86 -21.37 15.34
C GLY A 43 7.56 -22.14 15.20
N GLN A 44 7.02 -22.67 16.32
CA GLN A 44 5.78 -23.42 16.25
C GLN A 44 4.62 -22.55 15.78
N VAL A 45 4.69 -21.24 16.01
CA VAL A 45 3.60 -20.36 15.60
C VAL A 45 3.40 -20.41 14.09
N HIS A 46 4.48 -20.23 13.34
CA HIS A 46 4.37 -20.21 11.89
C HIS A 46 4.31 -21.61 11.28
N HIS A 47 4.54 -22.65 12.06
CA HIS A 47 4.21 -24.00 11.62
C HIS A 47 2.70 -24.24 11.59
N HIS A 48 1.92 -23.45 12.34
CA HIS A 48 0.49 -23.66 12.46
C HIS A 48 -0.37 -22.47 12.10
N PHE A 49 0.23 -21.31 11.84
CA PHE A 49 -0.51 -20.13 11.43
C PHE A 49 0.24 -19.45 10.29
N THR A 50 -0.52 -18.93 9.32
CA THR A 50 0.10 -18.26 8.18
C THR A 50 0.98 -17.10 8.64
N SER A 51 0.54 -16.37 9.65
CA SER A 51 1.26 -15.19 10.11
C SER A 51 0.76 -14.82 11.50
N SER A 52 1.47 -13.90 12.15
CA SER A 52 1.01 -13.38 13.43
C SER A 52 -0.32 -12.67 13.28
N GLY A 53 -0.54 -11.98 12.15
CA GLY A 53 -1.82 -11.36 11.92
C GLY A 53 -2.98 -12.33 11.95
N GLU A 54 -2.79 -13.50 11.32
CA GLU A 54 -3.83 -14.52 11.36
C GLU A 54 -4.06 -15.01 12.78
N LEU A 55 -2.97 -15.26 13.52
CA LEU A 55 -3.10 -15.74 14.89
C LEU A 55 -3.84 -14.74 15.75
N LYS A 56 -3.43 -13.46 15.71
CA LYS A 56 -4.09 -12.43 16.50
C LYS A 56 -5.58 -12.38 16.20
N SER A 57 -5.93 -12.35 14.90
CA SER A 57 -7.34 -12.24 14.52
C SER A 57 -8.14 -13.44 15.01
N GLN A 58 -7.66 -14.64 14.74
CA GLN A 58 -8.40 -15.84 15.14
C GLN A 58 -8.47 -15.97 16.65
N ALA A 59 -7.37 -15.65 17.35
CA ALA A 59 -7.39 -15.68 18.81
C ALA A 59 -8.36 -14.64 19.36
N PHE A 60 -8.37 -13.45 18.75
CA PHE A 60 -9.33 -12.44 19.16
C PHE A 60 -10.77 -12.94 19.01
N ILE A 61 -11.07 -13.60 17.89
CA ILE A 61 -12.40 -14.16 17.70
C ILE A 61 -12.71 -15.17 18.80
N ARG A 62 -11.75 -16.03 19.14
CA ARG A 62 -11.98 -17.03 20.17
C ARG A 62 -12.27 -16.37 21.52
N VAL A 63 -11.55 -15.29 21.84
CA VAL A 63 -11.80 -14.58 23.09
C VAL A 63 -13.23 -14.06 23.12
N ILE A 64 -13.67 -13.41 22.04
CA ILE A 64 -15.03 -12.91 21.99
C ILE A 64 -16.03 -14.05 22.11
N ARG A 65 -15.75 -15.18 21.44
CA ARG A 65 -16.60 -16.35 21.60
C ARG A 65 -16.69 -16.77 23.06
N GLU A 66 -15.54 -16.86 23.74
CA GLU A 66 -15.54 -17.24 25.14
C GLU A 66 -16.36 -16.26 25.97
N ASP A 69 -19.96 -17.14 25.44
CA ASP A 69 -20.30 -18.33 26.21
C ASP A 69 -20.61 -17.97 27.65
N LEU A 70 -19.76 -17.14 28.27
CA LEU A 70 -20.00 -16.71 29.64
C LEU A 70 -21.37 -16.04 29.78
N GLN A 71 -21.68 -15.11 28.88
CA GLN A 71 -22.95 -14.40 28.96
C GLN A 71 -24.13 -15.34 28.75
N ARG A 72 -24.02 -16.25 27.77
CA ARG A 72 -25.15 -17.10 27.44
C ARG A 72 -25.54 -18.01 28.59
N LEU A 73 -24.58 -18.40 29.43
CA LEU A 73 -24.84 -19.25 30.58
C LEU A 73 -25.13 -18.46 31.85
N SER A 74 -25.80 -17.30 31.72
CA SER A 74 -26.04 -16.43 32.86
C SER A 74 -27.25 -16.86 33.68
N ARG A 75 -28.01 -17.86 33.25
CA ARG A 75 -29.16 -18.35 33.97
C ARG A 75 -30.13 -17.22 34.31
N THR A 76 -30.73 -16.68 33.25
CA THR A 76 -31.68 -15.60 33.38
C THR A 76 -33.09 -16.14 33.59
N ALA A 77 -33.97 -15.28 34.08
CA ALA A 77 -35.34 -15.65 34.42
C ALA A 77 -36.35 -15.33 33.33
N GLY A 78 -35.90 -14.80 32.20
CA GLY A 78 -36.82 -14.46 31.13
C GLY A 78 -36.06 -14.00 29.91
N TRP A 79 -36.81 -13.87 28.81
CA TRP A 79 -36.20 -13.46 27.55
C TRP A 79 -35.75 -11.99 27.59
N ARG A 80 -36.48 -11.15 28.32
CA ARG A 80 -36.02 -9.77 28.51
C ARG A 80 -34.67 -9.76 29.22
N GLU A 81 -34.55 -10.48 30.33
CA GLU A 81 -33.28 -10.55 31.05
C GLU A 81 -32.19 -11.17 30.19
N GLN A 82 -32.55 -12.18 29.40
CA GLN A 82 -31.57 -12.79 28.49
C GLN A 82 -31.09 -11.78 27.46
N LEU A 83 -32.01 -11.01 26.87
CA LEU A 83 -31.62 -10.03 25.88
C LEU A 83 -30.74 -8.95 26.51
N PHE A 84 -31.12 -8.45 27.69
CA PHE A 84 -30.30 -7.45 28.35
C PHE A 84 -28.90 -7.98 28.62
N SER A 85 -28.80 -9.24 29.06
CA SER A 85 -27.49 -9.82 29.34
C SER A 85 -26.64 -9.88 28.08
N ALA A 86 -27.23 -10.25 26.95
CA ALA A 86 -26.50 -10.34 25.70
C ALA A 86 -26.13 -8.98 25.13
N LEU A 87 -26.74 -7.90 25.62
CA LEU A 87 -26.47 -6.55 25.13
C LEU A 87 -25.68 -5.70 26.11
N GLY A 88 -25.99 -5.78 27.41
CA GLY A 88 -25.38 -4.91 28.39
C GLY A 88 -25.18 -5.56 29.74
N SER A 89 -24.69 -6.79 29.77
CA SER A 89 -24.45 -7.48 31.02
C SER A 89 -23.43 -6.71 31.86
N GLU A 90 -23.78 -6.47 33.13
CA GLU A 90 -22.90 -5.78 34.06
C GLU A 90 -21.96 -6.72 34.79
N ASP A 91 -21.90 -7.99 34.38
CA ASP A 91 -21.02 -8.95 35.03
C ASP A 91 -19.56 -8.52 34.88
N GLY A 92 -18.89 -8.32 36.02
CA GLY A 92 -17.52 -7.85 36.00
C GLY A 92 -16.55 -8.81 35.32
N ARG A 93 -16.92 -10.09 35.21
CA ARG A 93 -16.07 -11.06 34.55
C ARG A 93 -15.88 -10.73 33.07
N LEU A 94 -16.82 -10.01 32.46
CA LEU A 94 -16.76 -9.74 31.03
C LEU A 94 -15.84 -8.57 30.69
N GLU A 95 -15.48 -7.74 31.67
CA GLU A 95 -14.75 -6.52 31.37
C GLU A 95 -13.43 -6.77 30.65
N PRO A 96 -12.61 -7.76 31.03
CA PRO A 96 -11.39 -8.02 30.26
C PRO A 96 -11.66 -8.36 28.80
N TYR A 97 -12.79 -9.01 28.52
CA TYR A 97 -13.15 -9.30 27.13
C TYR A 97 -13.60 -8.03 26.40
N ILE A 98 -14.33 -7.17 27.09
CA ILE A 98 -14.83 -5.94 26.49
C ILE A 98 -13.67 -5.03 26.10
N ARG A 99 -12.66 -4.92 26.97
CA ARG A 99 -11.53 -4.04 26.68
C ARG A 99 -10.79 -4.51 25.43
N LEU A 100 -10.62 -5.82 25.27
CA LEU A 100 -10.04 -6.34 24.02
C LEU A 100 -10.95 -6.03 22.84
N TRP A 101 -12.26 -6.14 23.04
CA TRP A 101 -13.20 -5.84 21.97
C TRP A 101 -13.07 -4.39 21.51
N ARG A 102 -13.06 -3.45 22.47
CA ARG A 102 -12.85 -2.05 22.12
C ARG A 102 -11.54 -1.86 21.36
N GLN A 103 -10.48 -2.52 21.82
CA GLN A 103 -9.18 -2.37 21.19
C GLN A 103 -9.22 -2.82 19.73
N ALA A 104 -9.96 -3.90 19.45
CA ALA A 104 -10.07 -4.40 18.09
C ALA A 104 -10.85 -3.45 17.20
N GLN A 105 -11.85 -2.75 17.75
CA GLN A 105 -12.61 -1.79 16.96
C GLN A 105 -11.69 -0.71 16.41
N LEU A 106 -10.74 -0.23 17.21
CA LEU A 106 -9.83 0.81 16.75
C LEU A 106 -8.79 0.25 15.79
N LEU A 107 -8.21 -0.91 16.12
CA LEU A 107 -7.20 -1.51 15.25
C LEU A 107 -7.78 -1.86 13.88
N ALA A 108 -9.08 -2.16 13.82
CA ALA A 108 -9.71 -2.47 12.54
C ALA A 108 -9.54 -1.36 11.53
N ASP A 109 -9.31 -0.12 11.97
CA ASP A 109 -9.13 0.99 11.04
C ASP A 109 -7.82 0.89 10.28
N SER A 110 -6.85 0.13 10.78
CA SER A 110 -5.53 0.03 10.16
C SER A 110 -5.08 -1.40 9.92
N ASP A 111 -5.96 -2.39 10.09
CA ASP A 111 -5.60 -3.79 9.96
C ASP A 111 -6.78 -4.55 9.34
N PRO A 112 -6.70 -4.88 8.05
CA PRO A 112 -7.83 -5.59 7.42
C PRO A 112 -8.15 -6.93 8.09
N GLU A 113 -7.13 -7.67 8.52
CA GLU A 113 -7.38 -8.94 9.20
C GLU A 113 -8.22 -8.74 10.46
N ILE A 114 -7.82 -7.78 11.29
CA ILE A 114 -8.58 -7.49 12.50
C ILE A 114 -9.95 -6.93 12.14
N LYS A 115 -10.01 -6.10 11.09
CA LYS A 115 -11.29 -5.55 10.65
C LYS A 115 -12.25 -6.66 10.24
N SER A 116 -11.77 -7.63 9.46
CA SER A 116 -12.61 -8.75 9.06
C SER A 116 -13.03 -9.57 10.28
N ALA A 117 -12.11 -9.78 11.23
CA ALA A 117 -12.45 -10.50 12.45
C ALA A 117 -13.46 -9.72 13.28
N TYR A 118 -13.25 -8.41 13.44
CA TYR A 118 -14.21 -7.59 14.16
C TYR A 118 -15.57 -7.65 13.49
N LEU A 119 -15.59 -7.61 12.15
CA LEU A 119 -16.85 -7.75 11.42
C LEU A 119 -17.58 -9.03 11.81
N LEU A 120 -16.85 -10.14 11.91
CA LEU A 120 -17.47 -11.42 12.27
C LEU A 120 -18.09 -11.35 13.66
N THR A 121 -17.38 -10.78 14.63
CA THR A 121 -17.91 -10.70 15.99
C THR A 121 -19.21 -9.93 16.02
N ASN A 123 -21.43 -9.89 13.58
CA ASN A 123 -22.43 -10.81 13.07
C ASN A 123 -22.78 -11.85 14.13
N LEU A 124 -21.78 -12.42 14.80
CA LEU A 124 -22.05 -13.37 15.87
C LEU A 124 -22.92 -12.73 16.94
N TRP A 125 -22.57 -11.51 17.36
CA TRP A 125 -23.40 -10.78 18.31
C TRP A 125 -24.81 -10.62 17.78
N HIS A 126 -24.94 -10.19 16.53
CA HIS A 126 -26.25 -9.99 15.92
C HIS A 126 -27.05 -11.29 15.90
N ASP A 127 -26.41 -12.40 15.52
CA ASP A 127 -27.10 -13.67 15.48
C ASP A 127 -27.72 -14.01 16.83
N GLU A 128 -26.97 -13.80 17.91
CA GLU A 128 -27.49 -14.14 19.24
C GLU A 128 -28.67 -13.24 19.61
N ALA A 129 -28.57 -11.94 19.32
CA ALA A 129 -29.68 -11.04 19.62
C ALA A 129 -30.92 -11.43 18.84
N VAL A 130 -30.76 -11.78 17.57
CA VAL A 130 -31.90 -12.19 16.75
C VAL A 130 -32.58 -13.41 17.36
N ARG A 131 -31.78 -14.40 17.76
CA ARG A 131 -32.35 -15.62 18.35
C ARG A 131 -33.17 -15.30 19.58
N ILE A 132 -32.62 -14.48 20.48
CA ILE A 132 -33.32 -14.13 21.71
C ILE A 132 -34.64 -13.41 21.39
N ILE A 133 -34.60 -12.49 20.42
CA ILE A 133 -35.80 -11.76 20.06
C ILE A 133 -36.85 -12.70 19.49
N ARG A 134 -36.44 -13.58 18.56
CA ARG A 134 -37.36 -14.56 18.02
C ARG A 134 -37.91 -15.47 19.10
N ALA A 135 -37.07 -15.87 20.06
CA ALA A 135 -37.52 -16.73 21.14
C ALA A 135 -38.55 -16.01 22.01
N GLY A 136 -38.24 -14.78 22.43
CA GLY A 136 -39.18 -14.02 23.23
C GLY A 136 -40.48 -13.73 22.51
N HIS A 137 -40.41 -13.54 21.18
CA HIS A 137 -41.63 -13.33 20.41
C HIS A 137 -42.50 -14.58 20.41
N ALA A 138 -41.88 -15.74 20.14
CA ALA A 138 -42.63 -16.99 20.15
C ALA A 138 -43.18 -17.31 21.53
N ALA A 139 -42.45 -16.96 22.58
CA ALA A 139 -42.91 -17.20 23.94
C ALA A 139 -43.96 -16.21 24.40
N GLY A 140 -44.35 -15.25 23.56
CA GLY A 140 -45.36 -14.27 23.93
C GLY A 140 -44.86 -13.16 24.82
N GLU A 141 -43.55 -13.02 24.99
CA GLU A 141 -43.00 -11.97 25.85
C GLU A 141 -42.70 -10.68 25.10
N PHE A 142 -42.19 -10.79 23.87
CA PHE A 142 -41.83 -9.63 23.06
C PHE A 142 -42.91 -9.34 22.04
N THR A 143 -43.22 -8.06 21.86
CA THR A 143 -44.11 -7.61 20.80
C THR A 143 -43.25 -6.99 19.70
N LEU A 144 -43.36 -7.51 18.49
CA LEU A 144 -42.51 -7.12 17.38
C LEU A 144 -43.31 -6.27 16.39
N ARG A 145 -42.88 -5.03 16.20
CA ARG A 145 -43.37 -4.18 15.13
C ARG A 145 -42.38 -4.12 13.95
N ASP A 146 -41.32 -4.91 14.00
CA ASP A 146 -40.30 -4.94 12.96
C ASP A 146 -39.62 -6.30 13.02
N SER A 147 -38.84 -6.59 11.99
CA SER A 147 -38.12 -7.86 11.94
C SER A 147 -37.07 -7.92 13.04
N ALA A 148 -36.86 -9.11 13.58
CA ALA A 148 -35.85 -9.30 14.62
C ALA A 148 -34.47 -8.85 14.15
N GLU A 149 -34.21 -8.95 12.86
CA GLU A 149 -32.91 -8.52 12.33
C GLU A 149 -32.75 -7.01 12.45
N ASN A 150 -33.77 -6.25 12.09
CA ASN A 150 -33.69 -4.79 12.20
C ASN A 150 -33.62 -4.37 13.66
N ILE A 151 -34.45 -4.95 14.52
CA ILE A 151 -34.40 -4.65 15.94
C ILE A 151 -33.02 -4.92 16.49
N ALA A 152 -32.42 -6.05 16.11
CA ALA A 152 -31.13 -6.43 16.68
C ALA A 152 -30.04 -5.44 16.33
N TRP A 153 -30.00 -4.99 15.07
CA TRP A 153 -28.97 -4.04 14.67
C TRP A 153 -29.11 -2.72 15.42
N ARG A 154 -30.34 -2.27 15.64
CA ARG A 154 -30.54 -1.01 16.36
C ARG A 154 -30.13 -1.13 17.81
N LEU A 155 -30.45 -2.25 18.46
CA LEU A 155 -30.04 -2.45 19.84
C LEU A 155 -28.53 -2.53 19.96
N ILE A 156 -27.88 -3.29 19.06
CA ILE A 156 -26.42 -3.38 19.08
C ILE A 156 -25.80 -2.01 18.81
N SER A 157 -26.34 -1.29 17.83
CA SER A 157 -25.81 0.05 17.52
C SER A 157 -25.93 0.96 18.74
N LEU A 158 -27.08 0.96 19.41
CA LEU A 158 -27.25 1.75 20.62
C LEU A 158 -26.17 1.41 21.63
N VAL A 159 -25.93 0.12 21.87
CA VAL A 159 -24.90 -0.30 22.82
C VAL A 159 -23.54 0.22 22.41
N CYS A 160 -23.15 -0.03 21.15
CA CYS A 160 -21.84 0.42 20.68
C CYS A 160 -21.72 1.94 20.76
N GLY A 161 -22.77 2.65 20.38
CA GLY A 161 -22.73 4.10 20.44
C GLY A 161 -22.60 4.62 21.86
N LEU A 162 -23.43 4.11 22.77
CA LEU A 162 -23.36 4.52 24.17
C LEU A 162 -21.99 4.21 24.77
N ASP A 163 -21.46 3.02 24.46
CA ASP A 163 -20.15 2.65 25.01
C ASP A 163 -19.08 3.63 24.57
N GLY A 164 -19.14 4.08 23.32
CA GLY A 164 -18.20 5.08 22.85
C GLY A 164 -18.29 6.38 23.65
N ILE A 165 -19.51 6.83 23.90
CA ILE A 165 -19.71 8.04 24.70
C ILE A 165 -19.30 7.79 26.15
N TYR A 166 -19.72 6.64 26.70
CA TYR A 166 -19.34 6.29 28.06
C TYR A 166 -17.82 6.30 28.23
N VAL A 167 -17.10 5.77 27.25
CA VAL A 167 -15.64 5.68 27.34
C VAL A 167 -15.01 7.07 27.34
N LEU A 168 -15.68 8.07 26.76
CA LEU A 168 -15.13 9.42 26.71
C LEU A 168 -15.06 10.09 28.07
N GLY A 169 -15.70 9.52 29.09
CA GLY A 169 -15.75 10.16 30.39
C GLY A 169 -16.93 11.08 30.59
N PRO A 171 -19.83 12.68 32.00
CA PRO A 171 -20.46 12.46 33.30
C PRO A 171 -21.96 12.16 33.19
N GLU A 172 -22.65 12.77 32.23
CA GLU A 172 -24.07 12.50 32.06
C GLU A 172 -24.35 11.10 31.51
N VAL A 173 -23.31 10.37 31.10
CA VAL A 173 -23.45 9.01 30.61
C VAL A 173 -22.47 8.11 31.36
N ASP A 174 -22.87 7.67 32.55
CA ASP A 174 -22.07 6.76 33.36
C ASP A 174 -22.62 5.35 33.23
N ASP A 175 -22.11 4.44 34.06
CA ASP A 175 -22.57 3.05 34.01
C ASP A 175 -24.07 2.96 34.32
N ALA A 176 -24.53 3.73 35.30
CA ALA A 176 -25.96 3.69 35.65
C ALA A 176 -26.82 4.15 34.47
N ALA A 177 -26.47 5.29 33.87
CA ALA A 177 -27.22 5.77 32.72
C ALA A 177 -27.23 4.74 31.59
N PHE A 178 -26.08 4.10 31.33
CA PHE A 178 -26.00 3.10 30.28
C PHE A 178 -27.08 2.05 30.46
N THR A 179 -27.19 1.49 31.66
CA THR A 179 -28.21 0.48 31.94
C THR A 179 -29.61 1.02 31.69
N ARG A 180 -29.91 2.20 32.24
CA ARG A 180 -31.23 2.79 32.07
C ARG A 180 -31.57 2.96 30.58
N HIS A 181 -30.62 3.47 29.80
CA HIS A 181 -30.86 3.67 28.38
C HIS A 181 -31.14 2.35 27.68
N LEU A 182 -30.35 1.32 27.97
CA LEU A 182 -30.56 0.02 27.33
C LEU A 182 -31.91 -0.56 27.72
N GLN A 183 -32.26 -0.53 29.01
CA GLN A 183 -33.56 -1.02 29.43
C GLN A 183 -34.69 -0.25 28.78
N HIS A 184 -34.48 1.04 28.50
CA HIS A 184 -35.55 1.85 27.94
C HIS A 184 -35.80 1.51 26.47
N VAL A 185 -34.72 1.29 25.69
CA VAL A 185 -34.90 0.97 24.28
C VAL A 185 -35.48 -0.42 24.12
N ILE A 186 -35.13 -1.36 25.02
CA ILE A 186 -35.73 -2.69 24.97
C ILE A 186 -37.24 -2.58 25.16
N GLN A 187 -37.69 -1.64 25.97
CA GLN A 187 -39.12 -1.44 26.15
C GLN A 187 -39.77 -0.88 24.89
N LEU A 188 -39.12 0.09 24.25
CA LEU A 188 -39.67 0.67 23.03
C LEU A 188 -39.76 -0.35 21.91
N GLU A 189 -38.72 -1.18 21.76
CA GLU A 189 -38.64 -2.07 20.60
C GLU A 189 -39.51 -3.31 20.77
N LEU A 190 -39.62 -3.85 21.98
CA LEU A 190 -40.21 -5.17 22.19
C LEU A 190 -41.41 -5.17 23.13
N PHE A 191 -41.83 -4.02 23.67
CA PHE A 191 -42.94 -3.97 24.60
C PHE A 191 -43.89 -2.81 24.29
N SER A 192 -43.82 -2.26 23.08
CA SER A 192 -44.70 -1.16 22.69
C SER A 192 -45.69 -1.63 21.63
N ASN B 5 -8.38 46.11 14.85
CA ASN B 5 -7.08 45.44 15.01
C ASN B 5 -6.92 44.34 13.97
N ARG B 6 -5.69 44.13 13.50
CA ARG B 6 -5.43 43.18 12.43
C ARG B 6 -5.32 41.77 13.00
N GLU B 7 -6.46 41.25 13.44
CA GLU B 7 -6.60 39.83 13.75
C GLU B 7 -6.81 38.98 12.51
N GLU B 8 -6.75 39.58 11.32
CA GLU B 8 -6.95 38.83 10.09
C GLU B 8 -5.85 37.81 9.86
N ARG B 9 -4.63 38.09 10.32
CA ARG B 9 -3.54 37.14 10.15
C ARG B 9 -3.83 35.84 10.87
N ARG B 10 -4.33 35.93 12.12
CA ARG B 10 -4.73 34.73 12.84
C ARG B 10 -5.83 33.99 12.09
N GLU B 11 -6.84 34.71 11.63
CA GLU B 11 -7.94 34.08 10.89
C GLU B 11 -7.43 33.47 9.59
N THR B 12 -6.45 34.13 8.94
CA THR B 12 -5.87 33.57 7.73
C THR B 12 -5.21 32.23 8.01
N ILE B 13 -4.45 32.15 9.10
CA ILE B 13 -3.81 30.88 9.47
C ILE B 13 -4.87 29.85 9.84
N GLN B 15 -8.04 29.63 8.88
CA GLN B 15 -8.72 29.16 7.69
C GLN B 15 -7.84 28.23 6.87
N ALA B 16 -6.52 28.48 6.85
CA ALA B 16 -5.62 27.54 6.20
C ALA B 16 -5.67 26.18 6.90
N ALA B 17 -5.71 26.19 8.23
CA ALA B 17 -5.78 24.93 8.97
C ALA B 17 -7.10 24.21 8.69
N ARG B 19 -8.87 24.31 5.95
CA ARG B 19 -8.83 23.75 4.60
C ARG B 19 -7.90 22.53 4.55
N VAL B 20 -6.74 22.62 5.22
CA VAL B 20 -5.85 21.46 5.29
C VAL B 20 -6.54 20.32 6.02
N ALA B 21 -7.27 20.64 7.09
CA ALA B 21 -7.97 19.61 7.83
C ALA B 21 -8.95 18.87 6.94
N LEU B 22 -9.77 19.60 6.18
CA LEU B 22 -10.78 18.97 5.34
C LEU B 22 -10.17 18.21 4.18
N ASP B 23 -8.99 18.62 3.72
CA ASP B 23 -8.36 18.01 2.56
C ASP B 23 -7.46 16.83 2.92
N GLN B 24 -6.63 16.99 3.96
CA GLN B 24 -5.63 15.98 4.30
C GLN B 24 -5.88 15.30 5.64
N GLY B 25 -6.78 15.83 6.47
CA GLY B 25 -7.01 15.27 7.78
C GLY B 25 -5.94 15.70 8.78
N PHE B 26 -6.06 15.17 9.99
CA PHE B 26 -5.14 15.55 11.06
C PHE B 26 -3.69 15.28 10.67
N THR B 27 -3.44 14.23 9.90
CA THR B 27 -2.07 13.89 9.52
C THR B 27 -1.40 15.03 8.76
N GLY B 28 -2.16 15.73 7.92
CA GLY B 28 -1.61 16.80 7.13
C GLY B 28 -1.54 18.15 7.81
N THR B 30 0.37 19.92 9.73
CA THR B 30 1.65 20.33 10.28
C THR B 30 1.81 21.84 10.16
N VAL B 31 2.74 22.37 10.94
CA VAL B 31 3.01 23.81 10.89
C VAL B 31 3.42 24.22 9.48
N ARG B 32 4.22 23.40 8.82
CA ARG B 32 4.70 23.73 7.47
C ARG B 32 3.53 23.76 6.49
N ASN B 33 2.71 22.71 6.49
CA ASN B 33 1.58 22.66 5.57
C ASN B 33 0.63 23.84 5.79
N ILE B 34 0.25 24.08 7.03
CA ILE B 34 -0.67 25.19 7.32
C ILE B 34 -0.05 26.52 6.93
N ALA B 35 1.23 26.72 7.26
CA ALA B 35 1.89 27.96 6.89
C ALA B 35 1.90 28.16 5.38
N THR B 36 2.14 27.09 4.63
CA THR B 36 2.12 27.19 3.16
C THR B 36 0.73 27.53 2.66
N ALA B 37 -0.29 26.84 3.17
CA ALA B 37 -1.65 27.11 2.75
C ALA B 37 -2.08 28.52 3.11
N ALA B 38 -1.53 29.08 4.19
CA ALA B 38 -1.83 30.45 4.59
C ALA B 38 -0.93 31.47 3.91
N GLY B 39 0.19 31.04 3.33
CA GLY B 39 1.11 31.96 2.69
C GLY B 39 1.87 32.83 3.67
N VAL B 40 2.30 32.26 4.79
CA VAL B 40 3.04 32.98 5.82
C VAL B 40 4.22 32.14 6.27
N ALA B 41 5.15 32.78 6.98
CA ALA B 41 6.29 32.07 7.53
C ALA B 41 5.87 31.16 8.67
N ALA B 42 6.60 30.06 8.84
CA ALA B 42 6.25 29.09 9.87
C ALA B 42 6.27 29.72 11.26
N GLY B 43 7.13 30.71 11.47
CA GLY B 43 7.20 31.36 12.77
C GLY B 43 5.92 32.05 13.17
N GLN B 44 5.17 32.56 12.19
CA GLN B 44 3.94 33.28 12.50
C GLN B 44 2.88 32.37 13.09
N VAL B 45 2.91 31.07 12.75
CA VAL B 45 1.90 30.15 13.28
C VAL B 45 2.00 30.09 14.81
N HIS B 46 3.21 29.89 15.33
CA HIS B 46 3.40 29.89 16.78
C HIS B 46 3.17 31.29 17.36
N HIS B 47 3.39 32.33 16.56
CA HIS B 47 3.17 33.69 17.04
C HIS B 47 1.69 33.97 17.29
N HIS B 48 0.79 33.24 16.64
CA HIS B 48 -0.65 33.41 16.82
C HIS B 48 -1.31 32.27 17.58
N PHE B 49 -0.60 31.17 17.83
CA PHE B 49 -1.17 30.03 18.52
C PHE B 49 -0.14 29.46 19.49
N THR B 50 -0.62 29.04 20.66
CA THR B 50 0.29 28.51 21.68
C THR B 50 1.11 27.35 21.14
N SER B 51 0.46 26.39 20.48
CA SER B 51 1.14 25.22 19.95
C SER B 51 0.33 24.67 18.78
N SER B 52 0.92 23.68 18.10
CA SER B 52 0.20 23.03 17.01
C SER B 52 -1.01 22.26 17.53
N GLY B 53 -0.92 21.69 18.73
CA GLY B 53 -2.07 21.03 19.31
C GLY B 53 -3.26 21.96 19.47
N GLU B 54 -3.01 23.17 19.96
CA GLU B 54 -4.08 24.15 20.09
C GLU B 54 -4.67 24.49 18.72
N LEU B 55 -3.81 24.70 17.72
CA LEU B 55 -4.30 25.02 16.39
C LEU B 55 -5.14 23.88 15.81
N LYS B 56 -4.60 22.65 15.85
CA LYS B 56 -5.36 21.51 15.36
C LYS B 56 -6.70 21.38 16.07
N SER B 57 -6.70 21.58 17.39
CA SER B 57 -7.94 21.47 18.16
C SER B 57 -8.92 22.57 17.78
N GLN B 58 -8.48 23.82 17.78
CA GLN B 58 -9.37 24.92 17.44
C GLN B 58 -9.85 24.83 16.00
N ALA B 59 -8.94 24.49 15.08
CA ALA B 59 -9.33 24.36 13.68
C ALA B 59 -10.33 23.23 13.49
N PHE B 60 -10.12 22.11 14.19
CA PHE B 60 -11.10 21.03 14.12
C PHE B 60 -12.48 21.50 14.57
N ILE B 61 -12.54 22.25 15.66
CA ILE B 61 -13.83 22.75 16.16
C ILE B 61 -14.45 23.70 15.14
N ARG B 62 -13.64 24.56 14.52
CA ARG B 62 -14.15 25.45 13.49
C ARG B 62 -14.77 24.66 12.34
N VAL B 63 -14.12 23.56 11.94
CA VAL B 63 -14.65 22.75 10.84
C VAL B 63 -15.99 22.13 11.24
N ILE B 64 -16.07 21.59 12.46
CA ILE B 64 -17.33 20.99 12.92
C ILE B 64 -18.43 22.04 12.97
N ARG B 65 -18.11 23.25 13.41
CA ARG B 65 -19.11 24.32 13.42
C ARG B 65 -19.58 24.63 11.99
N GLU B 66 -18.65 24.69 11.05
CA GLU B 66 -19.04 24.91 9.66
C GLU B 66 -19.95 23.79 9.17
N ASP B 69 -23.32 24.46 10.43
CA ASP B 69 -23.89 25.54 9.62
C ASP B 69 -24.47 24.99 8.32
N LEU B 70 -23.72 24.13 7.64
CA LEU B 70 -24.20 23.54 6.38
C LEU B 70 -25.45 22.72 6.61
N GLN B 71 -25.50 21.98 7.73
CA GLN B 71 -26.68 21.18 8.02
C GLN B 71 -27.90 22.07 8.28
N ARG B 72 -27.69 23.19 8.98
CA ARG B 72 -28.81 24.04 9.36
C ARG B 72 -29.38 24.80 8.17
N LEU B 73 -28.55 25.13 7.17
CA LEU B 73 -29.08 25.90 6.05
C LEU B 73 -30.11 25.11 5.26
N SER B 74 -30.13 23.80 5.41
CA SER B 74 -31.20 22.98 4.86
C SER B 74 -32.45 23.14 5.70
N ARG B 75 -33.49 23.73 5.11
CA ARG B 75 -34.76 23.92 5.79
C ARG B 75 -35.70 22.76 5.48
N THR B 76 -36.42 22.32 6.49
CA THR B 76 -37.31 21.17 6.39
C THR B 76 -38.73 21.58 6.74
N ALA B 77 -39.67 20.70 6.41
CA ALA B 77 -41.09 20.96 6.61
C ALA B 77 -41.63 20.17 7.80
N GLY B 78 -41.07 20.45 8.97
CA GLY B 78 -41.49 19.82 10.20
C GLY B 78 -40.32 19.56 11.13
N TRP B 79 -40.63 19.40 12.42
CA TRP B 79 -39.59 19.15 13.40
C TRP B 79 -39.07 17.72 13.31
N ARG B 80 -39.92 16.77 12.91
CA ARG B 80 -39.44 15.42 12.63
C ARG B 80 -38.30 15.45 11.62
N GLU B 81 -38.52 16.12 10.49
CA GLU B 81 -37.51 16.15 9.44
C GLU B 81 -36.27 16.92 9.87
N GLN B 82 -36.43 17.98 10.66
CA GLN B 82 -35.28 18.74 11.12
C GLN B 82 -34.42 17.91 12.08
N LEU B 83 -35.06 17.05 12.87
CA LEU B 83 -34.30 16.17 13.76
C LEU B 83 -33.52 15.14 12.96
N PHE B 84 -34.16 14.49 11.98
CA PHE B 84 -33.47 13.56 11.11
C PHE B 84 -32.26 14.23 10.46
N SER B 85 -32.46 15.43 9.93
CA SER B 85 -31.35 16.16 9.31
C SER B 85 -30.22 16.39 10.30
N ALA B 86 -30.55 16.81 11.52
CA ALA B 86 -29.53 17.10 12.51
C ALA B 86 -28.77 15.86 12.92
N LEU B 87 -29.40 14.69 12.84
CA LEU B 87 -28.79 13.44 13.26
C LEU B 87 -28.21 12.62 12.12
N GLY B 88 -28.80 12.71 10.93
CA GLY B 88 -28.35 11.89 9.82
C GLY B 88 -28.65 12.49 8.46
N SER B 89 -28.35 13.77 8.28
CA SER B 89 -28.53 14.40 6.98
C SER B 89 -27.82 13.61 5.90
N GLU B 90 -28.49 13.49 4.75
CA GLU B 90 -27.92 12.83 3.58
C GLU B 90 -27.16 13.79 2.67
N ASP B 91 -27.02 15.05 3.06
CA ASP B 91 -26.37 16.05 2.22
C ASP B 91 -24.91 15.65 1.97
N GLY B 92 -24.56 15.47 0.70
CA GLY B 92 -23.21 15.05 0.35
C GLY B 92 -22.13 16.04 0.72
N ARG B 93 -22.48 17.31 0.88
CA ARG B 93 -21.49 18.31 1.25
C ARG B 93 -20.93 18.11 2.65
N LEU B 94 -21.60 17.29 3.47
CA LEU B 94 -21.10 17.01 4.81
C LEU B 94 -20.06 15.89 4.85
N GLU B 95 -19.93 15.11 3.78
CA GLU B 95 -19.03 13.96 3.80
C GLU B 95 -17.61 14.31 4.24
N PRO B 96 -16.96 15.35 3.71
CA PRO B 96 -15.60 15.65 4.17
C PRO B 96 -15.54 16.00 5.66
N TYR B 97 -16.58 16.65 6.18
CA TYR B 97 -16.61 17.00 7.60
C TYR B 97 -16.77 15.75 8.45
N ILE B 98 -17.70 14.87 8.05
CA ILE B 98 -17.91 13.63 8.80
C ILE B 98 -16.64 12.79 8.81
N ARG B 99 -15.89 12.79 7.71
CA ARG B 99 -14.64 12.04 7.66
C ARG B 99 -13.66 12.55 8.72
N LEU B 100 -13.45 13.87 8.77
CA LEU B 100 -12.62 14.43 9.84
C LEU B 100 -13.19 14.09 11.20
N TRP B 101 -14.52 14.13 11.35
CA TRP B 101 -15.15 13.81 12.61
C TRP B 101 -14.80 12.40 13.06
N ARG B 102 -14.84 11.43 12.14
CA ARG B 102 -14.48 10.06 12.49
C ARG B 102 -13.02 9.98 12.92
N GLN B 103 -12.13 10.68 12.21
CA GLN B 103 -10.72 10.62 12.54
C GLN B 103 -10.47 11.16 13.95
N ALA B 104 -11.18 12.22 14.34
CA ALA B 104 -11.02 12.76 15.68
C ALA B 104 -11.47 11.74 16.72
N GLN B 105 -12.55 11.01 16.45
CA GLN B 105 -12.98 9.97 17.37
C GLN B 105 -11.88 8.95 17.63
N LEU B 106 -11.20 8.50 16.57
CA LEU B 106 -10.12 7.54 16.74
C LEU B 106 -8.94 8.15 17.48
N LEU B 107 -8.49 9.32 17.03
CA LEU B 107 -7.35 9.97 17.67
C LEU B 107 -7.65 10.35 19.12
N ALA B 108 -8.92 10.47 19.48
CA ALA B 108 -9.26 10.82 20.87
C ALA B 108 -8.74 9.79 21.85
N ASP B 109 -8.62 8.53 21.42
CA ASP B 109 -8.17 7.48 22.32
C ASP B 109 -6.70 7.65 22.72
N SER B 110 -5.90 8.34 21.91
CA SER B 110 -4.48 8.51 22.18
C SER B 110 -4.06 9.97 22.33
N ASP B 111 -4.91 10.92 21.98
CA ASP B 111 -4.57 12.34 22.05
C ASP B 111 -5.54 13.04 22.99
N PRO B 112 -5.11 13.47 24.19
CA PRO B 112 -6.06 14.12 25.10
C PRO B 112 -6.62 15.44 24.58
N GLU B 113 -5.83 16.20 23.81
CA GLU B 113 -6.33 17.46 23.27
C GLU B 113 -7.45 17.22 22.28
N ILE B 114 -7.25 16.28 21.34
CA ILE B 114 -8.31 15.95 20.39
C ILE B 114 -9.51 15.38 21.13
N LYS B 115 -9.26 14.57 22.17
CA LYS B 115 -10.35 14.01 22.95
C LYS B 115 -11.22 15.11 23.55
N SER B 116 -10.58 16.12 24.13
CA SER B 116 -11.32 17.27 24.66
C SER B 116 -12.15 17.93 23.57
N ALA B 117 -11.51 18.25 22.44
CA ALA B 117 -12.22 18.86 21.32
C ALA B 117 -13.36 17.96 20.85
N TYR B 118 -13.09 16.66 20.69
CA TYR B 118 -14.13 15.73 20.27
C TYR B 118 -15.29 15.74 21.25
N LEU B 119 -15.00 15.71 22.54
CA LEU B 119 -16.07 15.74 23.54
C LEU B 119 -16.96 16.97 23.36
N LEU B 120 -16.35 18.14 23.10
CA LEU B 120 -17.13 19.35 22.90
C LEU B 120 -18.09 19.19 21.72
N THR B 121 -17.62 18.63 20.60
CA THR B 121 -18.49 18.48 19.44
C THR B 121 -19.68 17.58 19.74
N ASN B 123 -21.14 17.41 22.63
CA ASN B 123 -22.04 18.28 23.38
C ASN B 123 -22.73 19.28 22.47
N LEU B 124 -22.00 19.85 21.51
CA LEU B 124 -22.64 20.73 20.53
C LEU B 124 -23.71 19.98 19.74
N TRP B 125 -23.39 18.74 19.35
CA TRP B 125 -24.38 17.92 18.65
C TRP B 125 -25.57 17.60 19.55
N HIS B 126 -25.30 17.21 20.79
CA HIS B 126 -26.37 16.92 21.74
C HIS B 126 -27.25 18.14 21.97
N ASP B 127 -26.63 19.32 22.16
CA ASP B 127 -27.42 20.54 22.34
C ASP B 127 -28.33 20.79 21.14
N GLU B 128 -27.83 20.58 19.93
CA GLU B 128 -28.65 20.79 18.75
C GLU B 128 -29.87 19.88 18.78
N ALA B 129 -29.66 18.58 19.03
CA ALA B 129 -30.78 17.65 19.09
C ALA B 129 -31.74 18.02 20.21
N VAL B 130 -31.21 18.45 21.37
CA VAL B 130 -32.07 18.83 22.48
C VAL B 130 -32.94 20.01 22.10
N ARG B 131 -32.37 21.01 21.42
CA ARG B 131 -33.17 22.17 21.01
C ARG B 131 -34.29 21.76 20.07
N ILE B 132 -34.02 20.85 19.13
CA ILE B 132 -35.03 20.44 18.16
C ILE B 132 -36.13 19.65 18.85
N ILE B 133 -35.77 18.76 19.78
CA ILE B 133 -36.77 17.96 20.48
C ILE B 133 -37.67 18.86 21.33
N ARG B 134 -37.06 19.81 22.05
CA ARG B 134 -37.85 20.72 22.88
C ARG B 134 -38.81 21.54 22.03
N ALA B 135 -38.35 22.01 20.87
CA ALA B 135 -39.21 22.79 19.99
C ALA B 135 -40.36 21.95 19.45
N GLY B 136 -40.06 20.76 18.93
CA GLY B 136 -41.11 19.90 18.42
C GLY B 136 -42.10 19.49 19.50
N HIS B 137 -41.63 19.36 20.74
CA HIS B 137 -42.54 19.09 21.85
C HIS B 137 -43.47 20.27 22.08
N ALA B 138 -42.92 21.48 22.13
CA ALA B 138 -43.76 22.66 22.31
C ALA B 138 -44.69 22.87 21.13
N ALA B 139 -44.31 22.41 19.94
CA ALA B 139 -45.18 22.49 18.77
C ALA B 139 -46.33 21.50 18.82
N GLY B 140 -46.32 20.56 19.76
CA GLY B 140 -47.33 19.52 19.80
C GLY B 140 -47.07 18.38 18.84
N GLU B 141 -45.93 18.37 18.17
CA GLU B 141 -45.59 17.30 17.22
C GLU B 141 -44.91 16.12 17.90
N PHE B 142 -44.01 16.39 18.84
CA PHE B 142 -43.31 15.34 19.56
C PHE B 142 -44.02 15.03 20.88
N THR B 143 -44.14 13.74 21.17
CA THR B 143 -44.60 13.26 22.48
C THR B 143 -43.40 12.76 23.25
N LEU B 144 -43.22 13.30 24.46
CA LEU B 144 -42.06 12.98 25.29
C LEU B 144 -42.49 12.11 26.46
N ARG B 145 -41.98 10.88 26.48
CA ARG B 145 -42.06 10.01 27.65
C ARG B 145 -40.76 10.02 28.45
N ASP B 146 -39.83 10.90 28.08
CA ASP B 146 -38.52 10.97 28.71
C ASP B 146 -37.97 12.36 28.43
N SER B 147 -36.91 12.73 29.14
CA SER B 147 -36.32 14.05 28.95
C SER B 147 -35.69 14.15 27.57
N ALA B 148 -35.72 15.37 27.02
CA ALA B 148 -35.07 15.61 25.73
C ALA B 148 -33.60 15.23 25.79
N GLU B 149 -32.93 15.55 26.90
CA GLU B 149 -31.51 15.23 27.04
C GLU B 149 -31.28 13.73 26.93
N ASN B 150 -32.11 12.92 27.60
CA ASN B 150 -31.96 11.48 27.53
C ASN B 150 -32.27 10.95 26.13
N ILE B 151 -33.35 11.45 25.51
CA ILE B 151 -33.68 11.04 24.16
C ILE B 151 -32.55 11.36 23.20
N ALA B 152 -31.94 12.54 23.35
CA ALA B 152 -30.92 12.97 22.41
C ALA B 152 -29.67 12.11 22.49
N TRP B 153 -29.28 11.70 23.71
CA TRP B 153 -28.10 10.85 23.85
C TRP B 153 -28.32 9.49 23.22
N ARG B 154 -29.53 8.94 23.33
CA ARG B 154 -29.80 7.65 22.72
C ARG B 154 -29.80 7.75 21.20
N LEU B 155 -30.41 8.81 20.66
CA LEU B 155 -30.41 8.99 19.21
C LEU B 155 -29.00 9.20 18.68
N ILE B 156 -28.19 9.99 19.38
CA ILE B 156 -26.80 10.17 18.96
C ILE B 156 -26.03 8.86 19.09
N SER B 157 -26.24 8.14 20.18
CA SER B 157 -25.63 6.82 20.33
C SER B 157 -26.04 5.90 19.19
N LEU B 158 -27.33 5.93 18.83
CA LEU B 158 -27.79 5.09 17.72
C LEU B 158 -27.06 5.44 16.43
N VAL B 159 -26.88 6.73 16.15
CA VAL B 159 -26.21 7.15 14.93
C VAL B 159 -24.75 6.72 14.95
N CYS B 160 -24.06 6.95 16.07
CA CYS B 160 -22.63 6.64 16.14
C CYS B 160 -22.39 5.14 16.03
N GLY B 161 -23.14 4.35 16.77
CA GLY B 161 -22.98 2.90 16.68
C GLY B 161 -23.31 2.38 15.29
N LEU B 162 -24.40 2.86 14.71
CA LEU B 162 -24.77 2.43 13.36
C LEU B 162 -23.72 2.86 12.35
N ASP B 163 -23.14 4.05 12.52
CA ASP B 163 -22.09 4.50 11.61
C ASP B 163 -20.83 3.67 11.79
N GLY B 164 -20.53 3.25 13.02
CA GLY B 164 -19.38 2.38 13.23
C GLY B 164 -19.51 1.07 12.49
N ILE B 165 -20.73 0.55 12.40
CA ILE B 165 -20.98 -0.67 11.63
C ILE B 165 -20.98 -0.37 10.14
N TYR B 166 -21.58 0.75 9.74
CA TYR B 166 -21.65 1.12 8.33
C TYR B 166 -20.27 1.20 7.71
N VAL B 167 -19.31 1.83 8.41
CA VAL B 167 -17.97 1.99 7.85
C VAL B 167 -17.24 0.65 7.71
N LEU B 168 -17.65 -0.37 8.46
CA LEU B 168 -16.98 -1.66 8.36
C LEU B 168 -17.17 -2.28 6.97
N GLY B 169 -18.40 -2.27 6.47
CA GLY B 169 -18.69 -2.83 5.17
C GLY B 169 -19.95 -3.67 5.13
N PRO B 171 -23.13 -5.05 4.24
CA PRO B 171 -24.14 -4.81 3.20
C PRO B 171 -25.55 -4.72 3.76
N GLU B 172 -25.78 -5.26 4.96
CA GLU B 172 -27.10 -5.16 5.59
C GLU B 172 -27.34 -3.81 6.23
N VAL B 173 -26.29 -3.03 6.46
CA VAL B 173 -26.41 -1.69 7.03
C VAL B 173 -25.74 -0.73 6.04
N ASP B 174 -26.48 -0.29 5.03
CA ASP B 174 -26.01 0.69 4.08
C ASP B 174 -26.67 2.04 4.39
N ASP B 175 -26.45 3.03 3.53
CA ASP B 175 -27.05 4.34 3.73
C ASP B 175 -28.58 4.25 3.80
N ALA B 176 -29.17 3.36 2.99
CA ALA B 176 -30.61 3.20 3.00
C ALA B 176 -31.10 2.65 4.34
N ALA B 177 -30.43 1.61 4.84
CA ALA B 177 -30.81 1.05 6.14
C ALA B 177 -30.57 2.07 7.26
N PHE B 178 -29.47 2.82 7.18
CA PHE B 178 -29.20 3.86 8.17
C PHE B 178 -30.38 4.83 8.26
N THR B 179 -30.86 5.31 7.13
CA THR B 179 -32.01 6.21 7.11
C THR B 179 -33.22 5.56 7.76
N ARG B 180 -33.56 4.34 7.32
CA ARG B 180 -34.75 3.67 7.85
C ARG B 180 -34.64 3.45 9.36
N HIS B 181 -33.44 3.10 9.84
CA HIS B 181 -33.26 2.88 11.27
C HIS B 181 -33.43 4.18 12.04
N LEU B 182 -32.83 5.27 11.56
CA LEU B 182 -32.96 6.56 12.25
C LEU B 182 -34.41 7.03 12.27
N GLN B 183 -35.10 6.92 11.13
CA GLN B 183 -36.51 7.29 11.09
C GLN B 183 -37.33 6.44 12.05
N HIS B 184 -36.96 5.17 12.19
CA HIS B 184 -37.74 4.27 13.04
C HIS B 184 -37.60 4.64 14.51
N VAL B 185 -36.39 4.97 14.96
CA VAL B 185 -36.19 5.29 16.36
C VAL B 185 -36.81 6.64 16.71
N ILE B 186 -36.78 7.60 15.78
CA ILE B 186 -37.48 8.85 15.99
C ILE B 186 -38.97 8.58 16.20
N GLN B 187 -39.53 7.66 15.41
CA GLN B 187 -40.93 7.30 15.59
C GLN B 187 -41.20 6.75 16.99
N LEU B 188 -40.31 5.90 17.49
CA LEU B 188 -40.52 5.27 18.79
C LEU B 188 -40.34 6.27 19.93
N GLU B 189 -39.29 7.11 19.85
CA GLU B 189 -38.96 7.99 20.95
C GLU B 189 -39.91 9.18 21.07
N LEU B 190 -40.47 9.65 19.95
CA LEU B 190 -41.17 10.92 19.93
C LEU B 190 -42.56 10.86 19.32
N PHE B 191 -43.05 9.68 18.94
CA PHE B 191 -44.38 9.55 18.35
C PHE B 191 -45.08 8.32 18.94
N SER B 192 -45.05 8.20 20.27
CA SER B 192 -45.72 7.09 20.94
C SER B 192 -46.54 7.60 22.13
N GLY C 2 27.11 29.73 9.24
CA GLY C 2 26.48 31.00 9.55
C GLY C 2 24.98 30.98 9.38
N TYR C 3 24.38 32.15 9.23
CA TYR C 3 22.94 32.31 9.06
C TYR C 3 22.68 32.67 7.60
N LEU C 4 22.29 31.67 6.82
CA LEU C 4 21.98 31.86 5.40
C LEU C 4 20.49 32.09 5.20
N ASN C 5 20.15 32.69 4.07
CA ASN C 5 18.75 32.84 3.71
C ASN C 5 18.19 31.52 3.21
N ARG C 6 16.88 31.49 2.97
CA ARG C 6 16.21 30.24 2.67
C ARG C 6 16.77 29.58 1.41
N GLU C 7 17.03 30.38 0.36
CA GLU C 7 17.48 29.80 -0.90
C GLU C 7 18.90 29.25 -0.77
N GLU C 8 19.79 29.95 -0.06
CA GLU C 8 21.15 29.47 0.10
C GLU C 8 21.23 28.29 1.07
N ARG C 9 20.36 28.26 2.08
CA ARG C 9 20.36 27.14 3.01
C ARG C 9 19.81 25.88 2.37
N ARG C 10 18.85 26.01 1.46
CA ARG C 10 18.39 24.83 0.73
C ARG C 10 19.49 24.27 -0.15
N GLU C 11 20.26 25.15 -0.80
CA GLU C 11 21.31 24.71 -1.70
C GLU C 11 22.42 23.98 -0.95
N THR C 12 22.83 24.50 0.21
CA THR C 12 23.91 23.87 0.95
C THR C 12 23.53 22.47 1.41
N ILE C 13 22.23 22.23 1.63
CA ILE C 13 21.77 20.88 1.96
C ILE C 13 21.80 20.01 0.73
N GLN C 15 23.73 20.42 -1.86
CA GLN C 15 25.15 20.18 -2.08
C GLN C 15 25.63 18.99 -1.27
N ALA C 16 25.29 18.97 0.03
CA ALA C 16 25.69 17.85 0.87
C ALA C 16 25.10 16.53 0.38
N ALA C 17 23.81 16.54 0.01
CA ALA C 17 23.16 15.31 -0.45
C ALA C 17 23.85 14.78 -1.70
N ARG C 19 27.02 15.22 -2.43
CA ARG C 19 28.30 14.68 -1.98
C ARG C 19 28.12 13.30 -1.35
N VAL C 20 27.10 13.14 -0.52
CA VAL C 20 26.85 11.83 0.10
C VAL C 20 26.46 10.80 -0.95
N ALA C 21 25.63 11.19 -1.92
CA ALA C 21 25.20 10.28 -2.96
C ALA C 21 26.40 9.68 -3.70
N LEU C 22 27.33 10.54 -4.11
CA LEU C 22 28.49 10.06 -4.85
C LEU C 22 29.47 9.30 -3.97
N ASP C 23 29.50 9.60 -2.67
CA ASP C 23 30.48 8.99 -1.78
C ASP C 23 29.98 7.69 -1.16
N GLN C 24 28.67 7.56 -0.93
CA GLN C 24 28.12 6.42 -0.20
C GLN C 24 26.91 5.78 -0.84
N GLY C 25 26.33 6.38 -1.89
CA GLY C 25 25.15 5.82 -2.52
C GLY C 25 23.89 6.13 -1.73
N PHE C 26 22.78 5.61 -2.24
CA PHE C 26 21.47 5.90 -1.66
C PHE C 26 21.41 5.48 -0.19
N THR C 27 22.05 4.37 0.16
CA THR C 27 21.97 3.86 1.52
C THR C 27 22.49 4.89 2.53
N GLY C 28 23.51 5.66 2.15
CA GLY C 28 24.06 6.66 3.04
C GLY C 28 23.34 7.99 3.05
N THR C 30 20.88 9.38 4.40
CA THR C 30 19.93 9.60 5.49
C THR C 30 19.86 11.08 5.82
N VAL C 31 18.76 11.47 6.47
CA VAL C 31 18.59 12.85 6.91
C VAL C 31 19.77 13.26 7.79
N ARG C 32 20.11 12.42 8.78
CA ARG C 32 21.14 12.79 9.73
C ARG C 32 22.52 12.78 9.09
N ASN C 33 22.77 11.86 8.15
CA ASN C 33 24.08 11.81 7.52
C ASN C 33 24.26 12.95 6.53
N ILE C 34 23.19 13.33 5.82
CA ILE C 34 23.27 14.50 4.94
C ILE C 34 23.44 15.76 5.78
N ALA C 35 22.67 15.89 6.87
CA ALA C 35 22.80 17.06 7.72
C ALA C 35 24.22 17.21 8.23
N THR C 36 24.83 16.11 8.67
CA THR C 36 26.22 16.16 9.11
C THR C 36 27.14 16.58 7.98
N ALA C 37 26.89 16.08 6.77
CA ALA C 37 27.70 16.48 5.62
C ALA C 37 27.57 17.97 5.36
N ALA C 38 26.36 18.52 5.54
CA ALA C 38 26.14 19.95 5.37
C ALA C 38 26.59 20.76 6.58
N GLY C 39 26.83 20.13 7.72
CA GLY C 39 27.21 20.84 8.92
C GLY C 39 26.07 21.58 9.57
N VAL C 40 24.85 21.05 9.48
CA VAL C 40 23.66 21.71 9.99
C VAL C 40 22.87 20.73 10.83
N ALA C 41 21.91 21.27 11.58
CA ALA C 41 21.03 20.44 12.40
C ALA C 41 20.13 19.59 11.51
N ALA C 42 19.84 18.37 11.98
CA ALA C 42 19.01 17.45 11.21
C ALA C 42 17.67 18.10 10.86
N GLY C 43 17.11 18.90 11.77
CA GLY C 43 15.83 19.55 11.52
C GLY C 43 15.83 20.44 10.29
N GLN C 44 17.01 20.91 9.87
CA GLN C 44 17.08 21.80 8.71
C GLN C 44 16.54 21.13 7.46
N VAL C 45 16.80 19.83 7.30
CA VAL C 45 16.40 19.13 6.07
C VAL C 45 14.92 19.34 5.80
N HIS C 46 14.07 19.08 6.81
CA HIS C 46 12.64 19.18 6.62
C HIS C 46 12.11 20.61 6.70
N HIS C 47 12.96 21.57 7.09
CA HIS C 47 12.59 22.97 6.95
C HIS C 47 12.64 23.45 5.51
N HIS C 48 13.37 22.74 4.65
CA HIS C 48 13.57 23.16 3.27
C HIS C 48 13.14 22.14 2.24
N PHE C 49 12.83 20.91 2.63
CA PHE C 49 12.41 19.87 1.71
C PHE C 49 11.17 19.19 2.24
N THR C 50 10.25 18.86 1.33
CA THR C 50 9.00 18.21 1.73
C THR C 50 9.28 16.93 2.51
N SER C 51 10.17 16.08 1.99
CA SER C 51 10.45 14.80 2.61
C SER C 51 11.87 14.37 2.24
N SER C 52 12.33 13.31 2.92
CA SER C 52 13.63 12.76 2.59
C SER C 52 13.66 12.19 1.18
N GLY C 53 12.53 11.66 0.71
CA GLY C 53 12.48 11.13 -0.65
C GLY C 53 12.63 12.21 -1.71
N GLU C 54 12.07 13.40 -1.44
CA GLU C 54 12.22 14.51 -2.37
C GLU C 54 13.68 14.93 -2.49
N LEU C 55 14.37 15.06 -1.35
CA LEU C 55 15.76 15.49 -1.36
C LEU C 55 16.63 14.46 -2.09
N LYS C 56 16.44 13.18 -1.81
CA LYS C 56 17.27 12.15 -2.43
C LYS C 56 17.09 12.12 -3.94
N SER C 57 15.84 12.13 -4.40
CA SER C 57 15.60 12.05 -5.84
C SER C 57 16.11 13.30 -6.55
N GLN C 58 15.86 14.48 -5.99
CA GLN C 58 16.33 15.70 -6.62
C GLN C 58 17.86 15.77 -6.63
N ALA C 59 18.50 15.35 -5.54
CA ALA C 59 19.96 15.28 -5.52
C ALA C 59 20.45 14.23 -6.50
N PHE C 60 19.74 13.10 -6.61
CA PHE C 60 20.12 12.08 -7.59
C PHE C 60 20.11 12.65 -9.01
N ILE C 61 19.05 13.39 -9.35
CA ILE C 61 18.95 13.95 -10.69
C ILE C 61 20.13 14.86 -10.99
N ARG C 62 20.46 15.76 -10.05
CA ARG C 62 21.54 16.71 -10.29
C ARG C 62 22.89 16.03 -10.35
N VAL C 63 23.06 14.90 -9.67
CA VAL C 63 24.30 14.14 -9.78
C VAL C 63 24.43 13.52 -11.17
N ILE C 64 23.32 13.05 -11.74
CA ILE C 64 23.36 12.50 -13.09
C ILE C 64 23.58 13.61 -14.11
N ARG C 65 22.98 14.78 -13.89
CA ARG C 65 23.24 15.91 -14.76
C ARG C 65 24.72 16.25 -14.80
N GLU C 66 25.39 16.20 -13.64
CA GLU C 66 26.82 16.46 -13.60
C GLU C 66 27.59 15.40 -14.38
N ASP C 69 27.37 16.26 -17.98
CA ASP C 69 28.26 17.38 -18.24
C ASP C 69 29.71 16.92 -18.33
N LEU C 70 30.09 15.94 -17.51
CA LEU C 70 31.46 15.41 -17.57
C LEU C 70 31.72 14.68 -18.87
N GLN C 71 30.71 14.06 -19.45
CA GLN C 71 30.88 13.26 -20.65
C GLN C 71 30.77 14.07 -21.95
N ARG C 72 30.32 15.32 -21.87
CA ARG C 72 30.01 16.10 -23.06
C ARG C 72 31.30 16.68 -23.64
N LEU C 73 31.61 16.30 -24.88
CA LEU C 73 32.74 16.86 -25.59
C LEU C 73 32.31 18.12 -26.34
N SER C 74 33.30 18.93 -26.69
CA SER C 74 33.04 20.15 -27.44
C SER C 74 32.81 19.80 -28.92
N ARG C 75 32.52 20.83 -29.70
CA ARG C 75 32.33 20.68 -31.13
C ARG C 75 33.64 20.55 -31.91
N THR C 76 34.77 20.59 -31.21
CA THR C 76 36.04 20.30 -31.86
C THR C 76 36.20 18.80 -32.12
N ALA C 77 35.60 17.97 -31.27
CA ALA C 77 35.66 16.51 -31.46
C ALA C 77 34.69 16.09 -32.54
N GLY C 78 35.09 15.09 -33.32
CA GLY C 78 34.20 14.55 -34.34
C GLY C 78 32.90 14.09 -33.74
N TRP C 79 31.85 14.11 -34.58
CA TRP C 79 30.51 13.79 -34.09
C TRP C 79 30.42 12.33 -33.62
N ARG C 80 31.14 11.42 -34.27
CA ARG C 80 31.20 10.04 -33.78
C ARG C 80 31.77 10.00 -32.37
N GLU C 81 32.81 10.80 -32.11
CA GLU C 81 33.41 10.81 -30.78
C GLU C 81 32.48 11.44 -29.76
N GLN C 82 31.78 12.51 -30.14
CA GLN C 82 30.81 13.13 -29.23
C GLN C 82 29.72 12.15 -28.84
N LEU C 83 29.23 11.37 -29.81
CA LEU C 83 28.14 10.44 -29.53
C LEU C 83 28.61 9.30 -28.64
N PHE C 84 29.75 8.70 -28.96
CA PHE C 84 30.32 7.66 -28.13
C PHE C 84 30.48 8.14 -26.69
N SER C 85 31.06 9.32 -26.52
CA SER C 85 31.29 9.84 -25.17
C SER C 85 29.98 10.01 -24.41
N ALA C 86 28.93 10.46 -25.10
CA ALA C 86 27.63 10.66 -24.46
C ALA C 86 26.95 9.35 -24.10
N LEU C 87 27.41 8.22 -24.63
CA LEU C 87 26.79 6.93 -24.38
C LEU C 87 27.59 6.01 -23.49
N GLY C 88 28.91 5.95 -23.69
CA GLY C 88 29.74 5.04 -22.91
C GLY C 88 31.16 5.53 -22.74
N SER C 89 31.32 6.75 -22.22
CA SER C 89 32.64 7.26 -21.95
C SER C 89 33.38 6.32 -21.00
N GLU C 90 34.66 6.12 -21.28
CA GLU C 90 35.49 5.18 -20.51
C GLU C 90 36.20 5.85 -19.34
N ASP C 91 35.93 7.13 -19.08
CA ASP C 91 36.61 7.83 -18.00
C ASP C 91 36.31 7.18 -16.66
N GLY C 92 37.36 6.82 -15.93
CA GLY C 92 37.19 6.17 -14.64
C GLY C 92 36.54 7.04 -13.59
N ARG C 93 36.61 8.36 -13.74
CA ARG C 93 36.01 9.27 -12.78
C ARG C 93 34.48 9.23 -12.80
N LEU C 94 33.88 8.54 -13.77
CA LEU C 94 32.44 8.39 -13.85
C LEU C 94 31.91 7.24 -13.00
N GLU C 95 32.79 6.38 -12.49
CA GLU C 95 32.33 5.17 -11.79
C GLU C 95 31.38 5.48 -10.64
N PRO C 96 31.68 6.39 -9.71
CA PRO C 96 30.70 6.66 -8.65
C PRO C 96 29.37 7.16 -9.16
N TYR C 97 29.37 7.87 -10.29
CA TYR C 97 28.10 8.29 -10.90
C TYR C 97 27.33 7.09 -11.43
N ILE C 98 28.04 6.16 -12.11
CA ILE C 98 27.38 4.99 -12.67
C ILE C 98 26.83 4.11 -11.56
N ARG C 99 27.59 3.92 -10.48
CA ARG C 99 27.11 3.11 -9.36
C ARG C 99 25.79 3.65 -8.82
N LEU C 100 25.70 4.98 -8.65
CA LEU C 100 24.46 5.57 -8.18
C LEU C 100 23.34 5.37 -9.20
N TRP C 101 23.66 5.46 -10.48
CA TRP C 101 22.66 5.25 -11.53
C TRP C 101 22.13 3.83 -11.51
N ARG C 102 23.02 2.85 -11.34
CA ARG C 102 22.57 1.46 -11.23
C ARG C 102 21.65 1.27 -10.04
N GLN C 103 21.98 1.90 -8.90
CA GLN C 103 21.15 1.78 -7.72
C GLN C 103 19.73 2.29 -7.97
N ALA C 104 19.62 3.46 -8.62
CA ALA C 104 18.31 4.04 -8.86
C ALA C 104 17.45 3.13 -9.71
N GLN C 105 18.04 2.53 -10.75
CA GLN C 105 17.28 1.59 -11.58
C GLN C 105 16.70 0.47 -10.75
N LEU C 106 17.45 -0.03 -9.77
CA LEU C 106 16.95 -1.09 -8.89
C LEU C 106 15.90 -0.56 -7.93
N LEU C 107 16.18 0.57 -7.30
CA LEU C 107 15.23 1.15 -6.34
C LEU C 107 13.95 1.59 -7.03
N ALA C 108 14.02 1.92 -8.33
CA ALA C 108 12.83 2.34 -9.05
C ALA C 108 11.73 1.29 -9.02
N ASP C 109 12.07 0.02 -8.78
CA ASP C 109 11.06 -1.02 -8.73
C ASP C 109 10.18 -0.93 -7.49
N SER C 110 10.67 -0.31 -6.41
CA SER C 110 9.93 -0.21 -5.17
C SER C 110 9.66 1.22 -4.71
N ASP C 111 10.25 2.22 -5.36
CA ASP C 111 10.14 3.61 -4.94
C ASP C 111 9.63 4.45 -6.10
N PRO C 112 8.35 4.82 -6.12
CA PRO C 112 7.84 5.63 -7.23
C PRO C 112 8.58 6.94 -7.42
N GLU C 113 9.04 7.57 -6.33
CA GLU C 113 9.78 8.82 -6.45
C GLU C 113 11.09 8.62 -7.19
N ILE C 114 11.87 7.62 -6.80
CA ILE C 114 13.11 7.31 -7.51
C ILE C 114 12.81 6.87 -8.93
N LYS C 115 11.72 6.12 -9.13
CA LYS C 115 11.33 5.71 -10.47
C LYS C 115 11.08 6.92 -11.35
N SER C 116 10.35 7.92 -10.83
CA SER C 116 10.13 9.13 -11.59
C SER C 116 11.42 9.86 -11.88
N ALA C 117 12.34 9.88 -10.90
CA ALA C 117 13.64 10.50 -11.12
C ALA C 117 14.47 9.73 -12.13
N TYR C 118 14.43 8.40 -12.06
CA TYR C 118 15.19 7.58 -13.02
C TYR C 118 14.65 7.77 -14.43
N LEU C 119 13.33 7.72 -14.59
CA LEU C 119 12.73 7.94 -15.90
C LEU C 119 13.16 9.26 -16.49
N LEU C 120 13.25 10.31 -15.67
CA LEU C 120 13.67 11.61 -16.18
C LEU C 120 15.10 11.56 -16.69
N THR C 121 16.01 10.92 -15.94
CA THR C 121 17.39 10.83 -16.39
C THR C 121 17.50 10.11 -17.72
N ASN C 123 15.24 10.18 -20.13
CA ASN C 123 14.83 11.15 -21.14
C ASN C 123 15.92 12.19 -21.39
N LEU C 124 16.58 12.65 -20.33
CA LEU C 124 17.70 13.58 -20.51
C LEU C 124 18.82 12.94 -21.32
N TRP C 125 19.15 11.69 -21.01
CA TRP C 125 20.13 10.95 -21.80
C TRP C 125 19.69 10.90 -23.27
N HIS C 126 18.42 10.56 -23.50
CA HIS C 126 17.89 10.51 -24.86
C HIS C 126 17.99 11.87 -25.54
N ASP C 127 17.70 12.94 -24.81
CA ASP C 127 17.78 14.28 -25.40
C ASP C 127 19.20 14.57 -25.89
N GLU C 128 20.20 14.25 -25.07
CA GLU C 128 21.59 14.48 -25.47
C GLU C 128 21.94 13.68 -26.71
N ALA C 129 21.53 12.41 -26.76
CA ALA C 129 21.85 11.58 -27.92
C ALA C 129 21.19 12.11 -29.18
N VAL C 130 19.93 12.54 -29.08
CA VAL C 130 19.23 13.08 -30.24
C VAL C 130 19.92 14.33 -30.75
N ARG C 131 20.28 15.24 -29.84
CA ARG C 131 20.98 16.46 -30.24
C ARG C 131 22.22 16.12 -31.06
N ILE C 132 23.06 15.23 -30.54
CA ILE C 132 24.32 14.92 -31.21
C ILE C 132 24.04 14.25 -32.55
N ILE C 133 23.04 13.36 -32.61
CA ILE C 133 22.71 12.68 -33.85
C ILE C 133 22.22 13.68 -34.89
N ARG C 134 21.33 14.59 -34.48
CA ARG C 134 20.82 15.60 -35.41
C ARG C 134 21.95 16.49 -35.92
N ALA C 135 22.80 16.95 -35.01
CA ALA C 135 23.91 17.83 -35.40
C ALA C 135 24.86 17.10 -36.35
N GLY C 136 25.24 15.87 -36.00
CA GLY C 136 26.09 15.09 -36.88
C GLY C 136 25.44 14.83 -38.22
N HIS C 137 24.11 14.72 -38.25
CA HIS C 137 23.41 14.55 -39.51
C HIS C 137 23.43 15.84 -40.34
N ALA C 138 23.23 16.98 -39.68
CA ALA C 138 23.27 18.25 -40.40
C ALA C 138 24.66 18.53 -40.97
N ALA C 139 25.70 18.22 -40.20
CA ALA C 139 27.07 18.40 -40.68
C ALA C 139 27.44 17.39 -41.76
N GLY C 140 26.59 16.41 -42.04
CA GLY C 140 26.85 15.44 -43.09
C GLY C 140 27.72 14.27 -42.67
N GLU C 141 28.04 14.13 -41.39
CA GLU C 141 28.88 13.02 -40.95
C GLU C 141 28.06 11.76 -40.73
N PHE C 142 26.85 11.90 -40.21
CA PHE C 142 25.98 10.77 -39.94
C PHE C 142 25.00 10.56 -41.08
N THR C 143 24.75 9.30 -41.40
CA THR C 143 23.73 8.91 -42.37
C THR C 143 22.60 8.20 -41.64
N LEU C 144 21.38 8.69 -41.85
CA LEU C 144 20.23 8.24 -41.08
C LEU C 144 19.30 7.42 -41.96
N ARG C 145 19.05 6.18 -41.56
CA ARG C 145 17.99 5.36 -42.12
C ARG C 145 16.70 5.46 -41.31
N ASP C 146 16.72 6.18 -40.19
CA ASP C 146 15.60 6.26 -39.28
C ASP C 146 15.68 7.58 -38.53
N SER C 147 14.60 7.93 -37.84
CA SER C 147 14.59 9.17 -37.08
C SER C 147 15.63 9.12 -35.97
N ALA C 148 16.22 10.28 -35.68
CA ALA C 148 17.22 10.36 -34.62
C ALA C 148 16.64 9.88 -33.28
N GLU C 149 15.34 10.00 -33.09
CA GLU C 149 14.72 9.55 -31.85
C GLU C 149 14.77 8.03 -31.73
N ASN C 150 14.42 7.32 -32.80
CA ASN C 150 14.45 5.86 -32.77
C ASN C 150 15.89 5.36 -32.59
N ILE C 151 16.83 5.93 -33.34
CA ILE C 151 18.23 5.52 -33.23
C ILE C 151 18.70 5.69 -31.79
N ALA C 152 18.37 6.82 -31.17
CA ALA C 152 18.87 7.11 -29.83
C ALA C 152 18.39 6.08 -28.82
N TRP C 153 17.09 5.75 -28.85
CA TRP C 153 16.57 4.75 -27.92
C TRP C 153 17.26 3.41 -28.10
N ARG C 154 17.51 3.02 -29.35
CA ARG C 154 18.18 1.74 -29.58
C ARG C 154 19.62 1.77 -29.07
N LEU C 155 20.31 2.91 -29.22
CA LEU C 155 21.67 3.01 -28.72
C LEU C 155 21.70 2.99 -27.19
N ILE C 156 20.85 3.81 -26.57
CA ILE C 156 20.75 3.81 -25.11
C ILE C 156 20.39 2.43 -24.59
N SER C 157 19.37 1.80 -25.21
CA SER C 157 18.97 0.45 -24.81
C SER C 157 20.16 -0.50 -24.86
N LEU C 158 20.94 -0.44 -25.95
CA LEU C 158 22.11 -1.29 -26.07
C LEU C 158 23.07 -1.09 -24.92
N VAL C 159 23.28 0.17 -24.52
CA VAL C 159 24.20 0.46 -23.42
C VAL C 159 23.67 -0.10 -22.11
N CYS C 160 22.39 0.13 -21.83
CA CYS C 160 21.80 -0.37 -20.60
C CYS C 160 21.83 -1.89 -20.56
N GLY C 161 21.48 -2.55 -21.67
CA GLY C 161 21.48 -4.00 -21.70
C GLY C 161 22.86 -4.59 -21.49
N LEU C 162 23.85 -4.08 -22.22
CA LEU C 162 25.22 -4.55 -22.05
C LEU C 162 25.69 -4.34 -20.62
N ASP C 163 25.38 -3.19 -20.03
CA ASP C 163 25.80 -2.93 -18.65
C ASP C 163 25.19 -3.94 -17.70
N GLY C 164 23.90 -4.26 -17.88
CA GLY C 164 23.28 -5.28 -17.06
C GLY C 164 23.98 -6.62 -17.17
N ILE C 165 24.45 -6.96 -18.38
CA ILE C 165 25.20 -8.19 -18.57
C ILE C 165 26.62 -8.04 -18.04
N TYR C 166 27.22 -6.86 -18.23
CA TYR C 166 28.58 -6.63 -17.76
C TYR C 166 28.69 -6.83 -16.25
N VAL C 167 27.72 -6.31 -15.49
CA VAL C 167 27.79 -6.41 -14.04
C VAL C 167 27.62 -7.85 -13.55
N LEU C 168 27.13 -8.75 -14.39
CA LEU C 168 26.96 -10.14 -13.97
C LEU C 168 28.29 -10.84 -13.73
N GLY C 169 29.38 -10.35 -14.31
CA GLY C 169 30.69 -10.86 -14.04
C GLY C 169 31.27 -11.81 -15.06
N PRO C 171 33.63 -12.78 -18.12
CA PRO C 171 34.80 -12.24 -18.84
C PRO C 171 34.54 -12.06 -20.33
N GLU C 172 33.50 -12.69 -20.87
CA GLU C 172 33.16 -12.53 -22.27
C GLU C 172 32.61 -11.15 -22.59
N VAL C 173 32.09 -10.44 -21.58
CA VAL C 173 31.56 -9.09 -21.75
C VAL C 173 32.22 -8.23 -20.68
N ASP C 174 33.38 -7.67 -21.00
CA ASP C 174 34.15 -6.84 -20.09
C ASP C 174 34.18 -5.40 -20.61
N ASP C 175 35.04 -4.58 -20.01
CA ASP C 175 35.15 -3.18 -20.42
C ASP C 175 35.53 -3.08 -21.89
N ALA C 176 36.60 -3.76 -22.30
CA ALA C 176 37.04 -3.70 -23.68
C ALA C 176 35.93 -4.15 -24.64
N ALA C 177 35.26 -5.25 -24.30
CA ALA C 177 34.16 -5.73 -25.14
C ALA C 177 33.04 -4.70 -25.23
N PHE C 178 32.69 -4.08 -24.10
CA PHE C 178 31.65 -3.06 -24.10
C PHE C 178 31.95 -1.96 -25.11
N THR C 179 33.19 -1.46 -25.10
CA THR C 179 33.56 -0.39 -26.02
C THR C 179 33.39 -0.82 -27.48
N ARG C 180 33.93 -1.99 -27.82
CA ARG C 180 33.84 -2.45 -29.21
C ARG C 180 32.40 -2.60 -29.66
N HIS C 181 31.54 -3.15 -28.79
CA HIS C 181 30.12 -3.30 -29.14
C HIS C 181 29.49 -1.94 -29.40
N LEU C 182 29.78 -0.95 -28.56
CA LEU C 182 29.17 0.37 -28.72
C LEU C 182 29.65 1.04 -30.01
N GLN C 183 30.97 1.05 -30.23
CA GLN C 183 31.48 1.62 -31.47
C GLN C 183 30.91 0.92 -32.70
N HIS C 184 30.61 -0.37 -32.59
CA HIS C 184 30.13 -1.14 -33.73
C HIS C 184 28.68 -0.80 -34.06
N VAL C 185 27.83 -0.61 -33.05
CA VAL C 185 26.44 -0.27 -33.32
C VAL C 185 26.33 1.17 -33.80
N ILE C 186 27.25 2.04 -33.40
CA ILE C 186 27.30 3.39 -33.95
C ILE C 186 27.56 3.32 -35.46
N GLN C 187 28.44 2.41 -35.88
CA GLN C 187 28.72 2.26 -37.31
C GLN C 187 27.46 1.81 -38.05
N LEU C 188 26.74 0.82 -37.52
CA LEU C 188 25.57 0.30 -38.21
C LEU C 188 24.46 1.33 -38.30
N GLU C 189 24.20 2.03 -37.19
CA GLU C 189 23.04 2.93 -37.12
C GLU C 189 23.26 4.23 -37.88
N LEU C 190 24.51 4.68 -38.02
CA LEU C 190 24.78 6.03 -38.51
C LEU C 190 25.81 6.11 -39.62
N PHE C 191 26.31 4.98 -40.12
CA PHE C 191 27.31 4.99 -41.19
C PHE C 191 27.01 3.88 -42.20
N SER C 192 25.73 3.74 -42.56
CA SER C 192 25.33 2.75 -43.55
C SER C 192 25.88 3.11 -44.93
N LEU D 4 12.02 -44.75 -8.52
CA LEU D 4 10.92 -44.28 -9.36
C LEU D 4 9.95 -43.42 -8.55
N ASN D 5 9.43 -43.99 -7.46
CA ASN D 5 8.54 -43.23 -6.59
C ASN D 5 9.28 -42.05 -5.94
N ARG D 6 10.59 -42.20 -5.72
CA ARG D 6 11.37 -41.10 -5.15
C ARG D 6 11.47 -39.94 -6.13
N GLU D 7 11.77 -40.23 -7.40
CA GLU D 7 11.88 -39.18 -8.39
C GLU D 7 10.51 -38.60 -8.74
N GLU D 8 9.47 -39.42 -8.70
CA GLU D 8 8.12 -38.90 -8.94
C GLU D 8 7.75 -37.86 -7.88
N ARG D 9 8.00 -38.16 -6.61
CA ARG D 9 7.64 -37.23 -5.55
C ARG D 9 8.49 -35.97 -5.61
N ARG D 10 9.77 -36.09 -5.99
CA ARG D 10 10.60 -34.91 -6.16
C ARG D 10 10.08 -34.03 -7.29
N GLU D 11 9.60 -34.66 -8.37
CA GLU D 11 9.10 -33.89 -9.50
C GLU D 11 7.81 -33.16 -9.14
N THR D 12 6.94 -33.77 -8.35
CA THR D 12 5.70 -33.11 -7.95
C THR D 12 5.99 -31.89 -7.09
N ILE D 13 7.02 -31.97 -6.24
CA ILE D 13 7.43 -30.81 -5.45
C ILE D 13 8.03 -29.74 -6.36
N GLN D 15 7.45 -29.34 -9.50
CA GLN D 15 6.38 -28.77 -10.31
C GLN D 15 5.51 -27.84 -9.50
N ALA D 16 5.35 -28.10 -8.20
CA ALA D 16 4.61 -27.18 -7.33
C ALA D 16 5.38 -25.88 -7.14
N ALA D 17 6.70 -25.97 -6.96
CA ALA D 17 7.51 -24.77 -6.83
C ALA D 17 7.48 -23.93 -8.11
N ARG D 19 4.85 -23.72 -10.17
CA ARG D 19 3.54 -23.06 -10.20
C ARG D 19 3.49 -21.91 -9.22
N VAL D 20 4.14 -22.04 -8.06
CA VAL D 20 4.18 -20.94 -7.10
C VAL D 20 5.04 -19.80 -7.64
N ALA D 21 6.13 -20.13 -8.33
CA ALA D 21 6.98 -19.11 -8.91
C ALA D 21 6.23 -18.29 -9.95
N LEU D 22 5.50 -18.96 -10.84
CA LEU D 22 4.76 -18.26 -11.89
C LEU D 22 3.57 -17.50 -11.33
N ASP D 23 3.01 -17.95 -10.21
CA ASP D 23 1.80 -17.36 -9.67
C ASP D 23 2.07 -16.26 -8.66
N GLN D 24 3.11 -16.42 -7.83
CA GLN D 24 3.38 -15.49 -6.74
C GLN D 24 4.78 -14.90 -6.77
N GLY D 25 5.69 -15.43 -7.59
CA GLY D 25 7.04 -14.93 -7.65
C GLY D 25 7.90 -15.51 -6.55
N PHE D 26 9.14 -15.03 -6.50
CA PHE D 26 10.11 -15.55 -5.53
C PHE D 26 9.61 -15.41 -4.10
N THR D 27 8.98 -14.28 -3.77
CA THR D 27 8.57 -14.03 -2.40
C THR D 27 7.70 -15.15 -1.86
N GLY D 28 6.77 -15.65 -2.66
CA GLY D 28 5.87 -16.70 -2.23
C GLY D 28 6.45 -18.09 -2.21
N THR D 30 8.08 -20.15 -0.31
CA THR D 30 8.48 -20.71 0.96
C THR D 30 8.30 -22.22 0.95
N VAL D 31 8.96 -22.89 1.90
CA VAL D 31 8.82 -24.34 2.01
C VAL D 31 7.37 -24.72 2.25
N ARG D 32 6.69 -23.98 3.14
CA ARG D 32 5.31 -24.32 3.47
C ARG D 32 4.37 -24.04 2.31
N ASN D 33 4.57 -22.94 1.59
CA ASN D 33 3.74 -22.65 0.43
C ASN D 33 3.91 -23.70 -0.66
N ILE D 34 5.15 -24.12 -0.92
CA ILE D 34 5.39 -25.12 -1.95
C ILE D 34 4.82 -26.47 -1.53
N ALA D 35 5.00 -26.83 -0.25
CA ALA D 35 4.43 -28.08 0.24
C ALA D 35 2.91 -28.10 0.10
N THR D 36 2.26 -27.00 0.46
CA THR D 36 0.81 -26.91 0.30
C THR D 36 0.42 -27.07 -1.16
N ALA D 37 1.16 -26.44 -2.07
CA ALA D 37 0.85 -26.56 -3.49
C ALA D 37 1.09 -27.98 -3.99
N ALA D 38 2.10 -28.65 -3.47
CA ALA D 38 2.43 -30.01 -3.86
C ALA D 38 1.56 -31.05 -3.18
N GLY D 39 0.82 -30.68 -2.13
CA GLY D 39 0.01 -31.65 -1.41
C GLY D 39 0.81 -32.57 -0.51
N VAL D 40 1.96 -32.11 -0.02
CA VAL D 40 2.82 -32.91 0.84
C VAL D 40 3.12 -32.11 2.10
N ALA D 41 3.71 -32.80 3.08
CA ALA D 41 4.15 -32.14 4.29
C ALA D 41 5.42 -31.35 4.03
N ALA D 42 5.61 -30.28 4.81
CA ALA D 42 6.78 -29.43 4.62
C ALA D 42 8.07 -30.21 4.77
N GLY D 43 8.07 -31.24 5.62
CA GLY D 43 9.29 -32.02 5.82
C GLY D 43 9.73 -32.75 4.56
N GLN D 44 8.79 -33.03 3.65
CA GLN D 44 9.13 -33.71 2.41
C GLN D 44 9.95 -32.84 1.47
N VAL D 45 9.87 -31.52 1.61
CA VAL D 45 10.62 -30.62 0.73
C VAL D 45 12.11 -30.82 0.94
N HIS D 46 12.54 -30.87 2.21
CA HIS D 46 13.96 -31.08 2.50
C HIS D 46 14.37 -32.53 2.30
N HIS D 47 13.44 -33.47 2.44
CA HIS D 47 13.75 -34.87 2.17
C HIS D 47 14.18 -35.09 0.73
N HIS D 48 13.77 -34.21 -0.19
CA HIS D 48 14.09 -34.34 -1.60
C HIS D 48 15.02 -33.25 -2.13
N PHE D 49 15.18 -32.14 -1.41
CA PHE D 49 16.03 -31.05 -1.85
C PHE D 49 16.95 -30.63 -0.71
N THR D 50 18.15 -30.19 -1.08
CA THR D 50 19.17 -29.89 -0.08
C THR D 50 18.79 -28.67 0.75
N SER D 51 18.27 -27.63 0.12
CA SER D 51 17.97 -26.40 0.81
C SER D 51 16.86 -25.65 0.06
N SER D 52 16.27 -24.67 0.75
CA SER D 52 15.28 -23.82 0.11
C SER D 52 15.89 -23.04 -1.05
N GLY D 53 17.14 -22.61 -0.89
CA GLY D 53 17.80 -21.86 -1.96
C GLY D 53 17.95 -22.67 -3.23
N GLU D 54 18.43 -23.92 -3.10
CA GLU D 54 18.59 -24.77 -4.27
C GLU D 54 17.26 -24.99 -4.97
N LEU D 55 16.22 -25.31 -4.21
CA LEU D 55 14.91 -25.56 -4.82
C LEU D 55 14.43 -24.34 -5.59
N LYS D 56 14.56 -23.15 -5.00
CA LYS D 56 14.12 -21.94 -5.67
C LYS D 56 14.90 -21.72 -6.97
N SER D 57 16.22 -21.88 -6.92
CA SER D 57 17.04 -21.68 -8.12
C SER D 57 16.71 -22.72 -9.19
N GLN D 58 16.59 -24.00 -8.80
CA GLN D 58 16.28 -25.03 -9.78
C GLN D 58 14.88 -24.85 -10.35
N ALA D 59 13.92 -24.45 -9.51
CA ALA D 59 12.57 -24.21 -9.99
C ALA D 59 12.54 -23.03 -10.95
N PHE D 60 13.26 -21.96 -10.64
CA PHE D 60 13.34 -20.82 -11.56
C PHE D 60 13.92 -21.23 -12.90
N ILE D 61 15.02 -21.98 -12.89
CA ILE D 61 15.61 -22.47 -14.13
C ILE D 61 14.60 -23.32 -14.90
N ARG D 62 13.88 -24.19 -14.20
CA ARG D 62 12.87 -25.02 -14.86
C ARG D 62 11.78 -24.17 -15.50
N VAL D 63 11.39 -23.07 -14.85
CA VAL D 63 10.36 -22.21 -15.42
C VAL D 63 10.89 -21.52 -16.68
N ILE D 64 12.16 -21.12 -16.67
CA ILE D 64 12.72 -20.45 -17.84
C ILE D 64 12.88 -21.43 -19.00
N ARG D 65 13.29 -22.66 -18.71
CA ARG D 65 13.38 -23.66 -19.77
C ARG D 65 11.99 -23.93 -20.36
N GLU D 66 10.97 -23.99 -19.52
CA GLU D 66 9.61 -24.15 -20.03
C GLU D 66 9.21 -22.98 -20.92
N ASP D 69 10.87 -23.56 -24.16
CA ASP D 69 10.12 -24.60 -24.86
C ASP D 69 8.90 -24.00 -25.56
N LEU D 70 8.13 -23.19 -24.83
CA LEU D 70 6.91 -22.61 -25.40
C LEU D 70 7.23 -21.71 -26.57
N GLN D 71 8.29 -20.90 -26.46
CA GLN D 71 8.66 -20.03 -27.56
C GLN D 71 9.03 -20.84 -28.80
N ARG D 72 9.70 -21.97 -28.61
CA ARG D 72 10.10 -22.83 -29.72
C ARG D 72 8.94 -23.57 -30.38
N LEU D 73 7.70 -23.36 -29.93
CA LEU D 73 6.59 -24.11 -30.49
C LEU D 73 6.14 -23.54 -31.83
N SER D 74 6.20 -22.21 -32.00
CA SER D 74 5.83 -21.62 -33.28
C SER D 74 6.81 -22.02 -34.37
N ARG D 75 8.12 -21.85 -34.12
CA ARG D 75 9.16 -22.12 -35.10
C ARG D 75 8.74 -21.65 -36.49
N THR D 76 8.59 -20.34 -36.65
CA THR D 76 8.32 -19.77 -37.95
C THR D 76 9.29 -20.31 -38.99
N ALA D 77 8.84 -20.39 -40.24
CA ALA D 77 9.71 -20.76 -41.33
C ALA D 77 10.47 -19.51 -41.78
N GLY D 78 11.79 -19.54 -41.66
CA GLY D 78 12.62 -18.37 -41.93
C GLY D 78 13.45 -18.09 -40.69
N TRP D 79 14.75 -17.93 -40.90
CA TRP D 79 15.66 -17.73 -39.78
C TRP D 79 15.56 -16.31 -39.22
N ARG D 80 15.14 -15.36 -40.04
CA ARG D 80 14.86 -14.02 -39.54
C ARG D 80 13.73 -14.06 -38.52
N GLU D 81 12.64 -14.76 -38.85
CA GLU D 81 11.51 -14.85 -37.92
C GLU D 81 11.83 -15.72 -36.72
N GLN D 82 12.59 -16.80 -36.94
CA GLN D 82 12.98 -17.66 -35.82
C GLN D 82 13.85 -16.91 -34.83
N LEU D 83 14.77 -16.08 -35.32
CA LEU D 83 15.60 -15.28 -34.43
C LEU D 83 14.77 -14.25 -33.69
N PHE D 84 13.87 -13.57 -34.40
CA PHE D 84 12.99 -12.60 -33.76
C PHE D 84 12.18 -13.26 -32.65
N SER D 85 11.65 -14.46 -32.91
CA SER D 85 10.85 -15.15 -31.91
C SER D 85 11.68 -15.47 -30.67
N ALA D 86 12.91 -15.95 -30.87
CA ALA D 86 13.77 -16.28 -29.73
C ALA D 86 14.15 -15.03 -28.93
N LEU D 87 14.09 -13.85 -29.54
CA LEU D 87 14.50 -12.62 -28.88
C LEU D 87 13.33 -11.80 -28.35
N GLY D 88 12.22 -11.75 -29.08
CA GLY D 88 11.09 -10.93 -28.69
C GLY D 88 9.76 -11.52 -29.10
N SER D 89 9.55 -12.79 -28.79
CA SER D 89 8.28 -13.44 -29.12
C SER D 89 7.10 -12.65 -28.56
N GLU D 90 6.12 -12.39 -29.42
CA GLU D 90 4.91 -11.67 -29.04
C GLU D 90 3.85 -12.60 -28.46
N ASP D 91 4.20 -13.85 -28.15
CA ASP D 91 3.22 -14.79 -27.62
C ASP D 91 2.83 -14.39 -26.20
N GLY D 92 1.53 -14.16 -25.99
CA GLY D 92 1.06 -13.73 -24.68
C GLY D 92 1.28 -14.75 -23.58
N ARG D 93 1.44 -16.02 -23.93
CA ARG D 93 1.64 -17.05 -22.93
C ARG D 93 2.97 -16.91 -22.19
N LEU D 94 3.89 -16.09 -22.70
CA LEU D 94 5.19 -15.90 -22.06
C LEU D 94 5.18 -14.83 -20.99
N GLU D 95 4.11 -14.04 -20.88
CA GLU D 95 4.06 -12.91 -19.94
C GLU D 95 4.44 -13.34 -18.53
N PRO D 96 3.74 -14.32 -17.93
CA PRO D 96 4.10 -14.70 -16.55
C PRO D 96 5.52 -15.21 -16.42
N TYR D 97 6.07 -15.84 -17.45
CA TYR D 97 7.46 -16.27 -17.41
C TYR D 97 8.40 -15.08 -17.43
N ILE D 98 8.12 -14.09 -18.28
CA ILE D 98 8.97 -12.91 -18.36
C ILE D 98 8.94 -12.14 -17.05
N ARG D 99 7.77 -12.08 -16.40
CA ARG D 99 7.69 -11.41 -15.10
C ARG D 99 8.65 -12.03 -14.09
N LEU D 100 8.62 -13.35 -13.96
CA LEU D 100 9.56 -14.02 -13.07
C LEU D 100 10.99 -13.75 -13.49
N TRP D 101 11.24 -13.64 -14.80
CA TRP D 101 12.60 -13.38 -15.28
C TRP D 101 13.08 -12.02 -14.83
N ARG D 102 12.23 -10.99 -14.97
CA ARG D 102 12.60 -9.66 -14.48
C ARG D 102 12.88 -9.68 -12.99
N GLN D 103 12.07 -10.42 -12.23
CA GLN D 103 12.27 -10.49 -10.78
C GLN D 103 13.62 -11.13 -10.44
N ALA D 104 14.01 -12.16 -11.21
CA ALA D 104 15.30 -12.79 -10.97
C ALA D 104 16.44 -11.82 -11.21
N GLN D 105 16.35 -11.03 -12.28
CA GLN D 105 17.37 -10.01 -12.53
C GLN D 105 17.45 -9.04 -11.37
N LEU D 106 16.29 -8.66 -10.82
CA LEU D 106 16.28 -7.73 -9.70
C LEU D 106 16.94 -8.35 -8.47
N LEU D 107 16.52 -9.56 -8.10
CA LEU D 107 17.04 -10.20 -6.90
C LEU D 107 18.50 -10.65 -7.07
N ALA D 108 19.00 -10.75 -8.29
CA ALA D 108 20.39 -11.13 -8.50
C ALA D 108 21.35 -10.16 -7.82
N ASP D 109 20.93 -8.92 -7.59
CA ASP D 109 21.82 -7.93 -6.98
C ASP D 109 22.12 -8.24 -5.53
N SER D 110 21.25 -8.99 -4.85
CA SER D 110 21.39 -9.23 -3.41
C SER D 110 21.32 -10.71 -3.05
N ASP D 111 21.30 -11.61 -4.03
CA ASP D 111 21.19 -13.05 -3.76
C ASP D 111 22.13 -13.79 -4.71
N PRO D 112 23.30 -14.23 -4.21
CA PRO D 112 24.25 -14.92 -5.11
C PRO D 112 23.67 -16.14 -5.80
N GLU D 113 22.82 -16.91 -5.10
CA GLU D 113 22.22 -18.09 -5.70
C GLU D 113 21.35 -17.73 -6.90
N ILE D 114 20.47 -16.73 -6.72
CA ILE D 114 19.62 -16.30 -7.83
C ILE D 114 20.46 -15.67 -8.93
N LYS D 115 21.51 -14.93 -8.56
CA LYS D 115 22.40 -14.34 -9.56
C LYS D 115 23.03 -15.43 -10.42
N SER D 116 23.54 -16.48 -9.79
CA SER D 116 24.14 -17.58 -10.53
C SER D 116 23.12 -18.22 -11.47
N ALA D 117 21.91 -18.47 -10.97
CA ALA D 117 20.87 -19.04 -11.82
C ALA D 117 20.52 -18.08 -12.95
N TYR D 118 20.41 -16.79 -12.66
CA TYR D 118 20.08 -15.82 -13.70
C TYR D 118 21.17 -15.76 -14.76
N LEU D 119 22.43 -15.82 -14.34
CA LEU D 119 23.52 -15.84 -15.32
C LEU D 119 23.45 -17.07 -16.21
N LEU D 120 23.00 -18.20 -15.64
CA LEU D 120 22.81 -19.41 -16.44
C LEU D 120 21.74 -19.21 -17.51
N THR D 121 20.64 -18.56 -17.15
CA THR D 121 19.55 -18.35 -18.10
C THR D 121 19.97 -17.44 -19.24
N ASN D 123 22.97 -17.24 -20.47
CA ASN D 123 23.81 -18.05 -21.35
C ASN D 123 22.99 -19.02 -22.17
N LEU D 124 21.93 -19.60 -21.59
CA LEU D 124 21.01 -20.41 -22.38
C LEU D 124 20.37 -19.58 -23.48
N TRP D 125 19.92 -18.38 -23.13
CA TRP D 125 19.35 -17.46 -24.12
C TRP D 125 20.37 -17.14 -25.20
N HIS D 126 21.61 -16.82 -24.79
CA HIS D 126 22.66 -16.50 -25.75
C HIS D 126 22.93 -17.67 -26.67
N ASP D 127 23.05 -18.88 -26.12
CA ASP D 127 23.27 -20.08 -26.93
C ASP D 127 22.17 -20.21 -27.98
N GLU D 128 20.91 -20.08 -27.57
CA GLU D 128 19.80 -20.19 -28.51
C GLU D 128 19.99 -19.23 -29.68
N ALA D 129 20.26 -17.96 -29.38
CA ALA D 129 20.44 -16.97 -30.44
C ALA D 129 21.64 -17.33 -31.32
N VAL D 130 22.72 -17.83 -30.72
CA VAL D 130 23.91 -18.17 -31.50
C VAL D 130 23.61 -19.31 -32.46
N ARG D 131 22.91 -20.35 -31.99
CA ARG D 131 22.56 -21.46 -32.86
C ARG D 131 21.71 -20.99 -34.03
N ILE D 132 20.73 -20.12 -33.78
CA ILE D 132 19.86 -19.64 -34.85
C ILE D 132 20.66 -18.84 -35.87
N ILE D 133 21.57 -17.99 -35.40
CA ILE D 133 22.38 -17.18 -36.31
C ILE D 133 23.26 -18.08 -37.18
N ARG D 134 23.98 -19.02 -36.54
CA ARG D 134 24.86 -19.90 -37.29
C ARG D 134 24.08 -20.73 -38.31
N ALA D 135 22.86 -21.16 -37.95
CA ALA D 135 22.04 -21.92 -38.87
C ALA D 135 21.56 -21.04 -40.03
N GLY D 136 21.05 -19.85 -39.71
CA GLY D 136 20.62 -18.94 -40.76
C GLY D 136 21.77 -18.52 -41.66
N HIS D 137 22.98 -18.43 -41.11
CA HIS D 137 24.15 -18.14 -41.92
C HIS D 137 24.47 -19.30 -42.86
N ALA D 138 24.48 -20.51 -42.32
CA ALA D 138 24.76 -21.69 -43.13
C ALA D 138 23.70 -21.86 -44.23
N ALA D 139 22.46 -21.48 -43.94
CA ALA D 139 21.39 -21.61 -44.92
C ALA D 139 21.48 -20.57 -46.04
N GLY D 140 22.30 -19.53 -45.87
CA GLY D 140 22.41 -18.48 -46.86
C GLY D 140 21.52 -17.29 -46.64
N GLU D 141 20.76 -17.25 -45.54
CA GLU D 141 19.85 -16.15 -45.28
C GLU D 141 20.53 -14.98 -44.58
N PHE D 142 21.40 -15.26 -43.61
CA PHE D 142 22.07 -14.22 -42.85
C PHE D 142 23.45 -13.93 -43.45
N THR D 143 23.82 -12.66 -43.43
CA THR D 143 25.17 -12.22 -43.75
C THR D 143 25.84 -11.77 -42.47
N LEU D 144 27.05 -12.26 -42.22
CA LEU D 144 27.75 -12.05 -40.96
C LEU D 144 28.98 -11.18 -41.19
N ARG D 145 28.99 -10.00 -40.57
CA ARG D 145 30.16 -9.14 -40.51
C ARG D 145 30.88 -9.23 -39.17
N ASP D 146 30.40 -10.10 -38.28
CA ASP D 146 30.97 -10.27 -36.96
C ASP D 146 30.62 -11.66 -36.49
N SER D 147 31.26 -12.09 -35.40
CA SER D 147 30.98 -13.42 -34.86
C SER D 147 29.54 -13.51 -34.37
N ALA D 148 28.95 -14.70 -34.52
CA ALA D 148 27.58 -14.90 -34.03
C ALA D 148 27.50 -14.62 -32.53
N GLU D 149 28.53 -14.97 -31.77
CA GLU D 149 28.53 -14.72 -30.33
C GLU D 149 28.38 -13.23 -30.05
N ASN D 150 29.15 -12.38 -30.74
CA ASN D 150 29.08 -10.95 -30.51
C ASN D 150 27.73 -10.37 -30.96
N ILE D 151 27.22 -10.84 -32.10
CA ILE D 151 25.91 -10.39 -32.56
C ILE D 151 24.84 -10.76 -31.56
N ALA D 152 24.89 -11.99 -31.05
CA ALA D 152 23.87 -12.44 -30.11
C ALA D 152 23.86 -11.61 -28.84
N TRP D 153 25.05 -11.27 -28.32
CA TRP D 153 25.10 -10.47 -27.11
C TRP D 153 24.53 -9.08 -27.33
N ARG D 154 24.77 -8.48 -28.50
CA ARG D 154 24.24 -7.15 -28.78
C ARG D 154 22.73 -7.20 -28.94
N LEU D 155 22.21 -8.26 -29.58
CA LEU D 155 20.76 -8.40 -29.71
C LEU D 155 20.09 -8.62 -28.36
N ILE D 156 20.71 -9.43 -27.50
CA ILE D 156 20.16 -9.67 -26.18
C ILE D 156 20.22 -8.39 -25.35
N SER D 157 21.32 -7.64 -25.45
CA SER D 157 21.41 -6.37 -24.74
C SER D 157 20.35 -5.39 -25.21
N LEU D 158 20.13 -5.32 -26.53
CA LEU D 158 19.08 -4.46 -27.05
C LEU D 158 17.73 -4.82 -26.43
N VAL D 159 17.38 -6.11 -26.42
CA VAL D 159 16.10 -6.53 -25.86
C VAL D 159 16.03 -6.20 -24.37
N CYS D 160 17.10 -6.49 -23.63
CA CYS D 160 17.09 -6.24 -22.19
C CYS D 160 17.00 -4.75 -21.89
N GLY D 161 17.75 -3.93 -22.64
CA GLY D 161 17.69 -2.49 -22.42
C GLY D 161 16.31 -1.93 -22.72
N LEU D 162 15.75 -2.28 -23.88
CA LEU D 162 14.42 -1.80 -24.23
C LEU D 162 13.38 -2.25 -23.22
N ASP D 163 13.49 -3.48 -22.73
CA ASP D 163 12.54 -3.96 -21.73
C ASP D 163 12.62 -3.12 -20.45
N GLY D 164 13.83 -2.74 -20.05
CA GLY D 164 13.97 -1.88 -18.88
C GLY D 164 13.37 -0.51 -19.07
N ILE D 165 13.29 -0.05 -20.31
CA ILE D 165 12.61 1.21 -20.61
C ILE D 165 11.11 0.99 -20.74
N TYR D 166 10.73 -0.09 -21.40
CA TYR D 166 9.30 -0.39 -21.58
C TYR D 166 8.59 -0.50 -20.24
N VAL D 167 9.23 -1.14 -19.25
CA VAL D 167 8.59 -1.34 -17.95
C VAL D 167 8.47 -0.03 -17.18
N LEU D 168 9.22 1.00 -17.56
CA LEU D 168 9.11 2.30 -16.89
C LEU D 168 7.82 3.04 -17.25
N GLY D 169 6.99 2.48 -18.14
CA GLY D 169 5.74 3.10 -18.49
C GLY D 169 5.81 4.10 -19.63
N PRO D 171 5.56 5.85 -23.06
CA PRO D 171 4.66 5.48 -24.16
C PRO D 171 5.36 5.25 -25.48
N GLU D 172 6.32 6.10 -25.82
CA GLU D 172 7.00 5.97 -27.11
C GLU D 172 7.76 4.65 -27.23
N VAL D 173 7.96 3.92 -26.14
CA VAL D 173 8.59 2.61 -26.16
C VAL D 173 7.56 1.63 -25.62
N ASP D 174 6.69 1.15 -26.50
CA ASP D 174 5.66 0.16 -26.15
C ASP D 174 5.91 -1.10 -26.97
N ASP D 175 4.97 -2.06 -26.88
CA ASP D 175 5.14 -3.33 -27.57
C ASP D 175 5.34 -3.12 -29.07
N ALA D 176 4.58 -2.22 -29.67
CA ALA D 176 4.70 -1.99 -31.11
C ALA D 176 6.08 -1.47 -31.47
N ALA D 177 6.56 -0.45 -30.75
CA ALA D 177 7.89 0.09 -31.01
C ALA D 177 8.96 -0.96 -30.73
N PHE D 178 8.81 -1.70 -29.63
CA PHE D 178 9.75 -2.77 -29.31
C PHE D 178 9.92 -3.72 -30.48
N THR D 179 8.80 -4.14 -31.08
CA THR D 179 8.87 -5.04 -32.22
C THR D 179 9.62 -4.41 -33.39
N ARG D 180 9.30 -3.16 -33.72
CA ARG D 180 9.96 -2.49 -34.83
C ARG D 180 11.46 -2.35 -34.56
N HIS D 181 11.84 -1.98 -33.35
CA HIS D 181 13.26 -1.84 -33.02
C HIS D 181 14.00 -3.15 -33.22
N LEU D 182 13.43 -4.25 -32.71
CA LEU D 182 14.10 -5.55 -32.84
C LEU D 182 14.21 -5.97 -34.30
N GLN D 183 13.15 -5.74 -35.08
CA GLN D 183 13.22 -6.03 -36.51
C GLN D 183 14.30 -5.20 -37.19
N HIS D 184 14.44 -3.94 -36.79
CA HIS D 184 15.40 -3.06 -37.45
C HIS D 184 16.83 -3.52 -37.19
N VAL D 185 17.17 -3.80 -35.93
CA VAL D 185 18.53 -4.19 -35.60
C VAL D 185 18.89 -5.53 -36.24
N ILE D 186 17.92 -6.44 -36.36
CA ILE D 186 18.18 -7.70 -37.06
C ILE D 186 18.56 -7.42 -38.51
N GLN D 187 17.87 -6.48 -39.15
CA GLN D 187 18.22 -6.09 -40.52
C GLN D 187 19.65 -5.57 -40.59
N LEU D 188 20.04 -4.72 -39.64
CA LEU D 188 21.37 -4.12 -39.68
C LEU D 188 22.45 -5.17 -39.44
N GLU D 189 22.21 -6.11 -38.53
CA GLU D 189 23.25 -7.04 -38.11
C GLU D 189 23.41 -8.22 -39.06
N LEU D 190 22.34 -8.58 -39.80
CA LEU D 190 22.36 -9.84 -40.54
C LEU D 190 21.83 -9.74 -41.97
N PHE D 191 21.50 -8.54 -42.45
CA PHE D 191 21.00 -8.38 -43.81
C PHE D 191 21.58 -7.12 -44.44
N SER D 192 22.85 -6.87 -44.21
CA SER D 192 23.53 -5.72 -44.79
C SER D 192 23.50 -5.78 -46.31
#